data_1WVM
#
_entry.id   1WVM
#
_cell.length_a   123.230
_cell.length_b   138.340
_cell.length_c   64.880
_cell.angle_alpha   90.00
_cell.angle_beta   97.56
_cell.angle_gamma   90.00
#
_symmetry.space_group_name_H-M   'C 1 2 1'
#
loop_
_entity.id
_entity.type
_entity.pdbx_description
1 polymer 'alkaline serine protease'
2 polymer CHYMOSTATIN
3 non-polymer 'CALCIUM ION'
4 non-polymer 'MAGNESIUM ION'
5 water water
#
loop_
_entity_poly.entity_id
_entity_poly.type
_entity_poly.pdbx_seq_one_letter_code
_entity_poly.pdbx_strand_id
1 'polypeptide(L)'
;AETTPWGQTFVGATVLSDSQAGNRTICIIDSGYDRSHNDLNANNVTGTNNSGTGNWYQPGNNNAHGTHVAGTIAAIANNE
GVVGVMPNQNANIHIVKVFNEAGWGYSSSLVAAIDTCVNSGGANVVTMSLGGSGSTTTERNALNTHYNNGVLLIAAAGNA
GDSSYSYPASYDSVMSVAAVDSNLDHAAFSQYTDQVEISGPGEAILSTVTVGEGRLADITIGGQSYFSNGVVPHNRLTPS
GTSYAPAPINASATGALAECTVNGTSFSCGNMANKICLVERVGNQGSSYPEINSTKACKTAGAKGIIVYSNSALPGLQNP
FLVDANSDITVPSVSVDRATGLALKAKLGQSTTVSNQGNQDYEYYNGTSMATPHVSGVATLVWSYHPECSASQVRAALNA
TADDLSVAGRDNQTGYGMINAVAAKAYLDESCTGPTDPGTG
;
A,B
2 'polypeptide(L)' F(CSI)L(PHA) C,D
#
# COMPACT_ATOMS: atom_id res chain seq x y z
N ALA A 1 -22.51 -6.40 39.55
CA ALA A 1 -23.45 -6.28 38.40
C ALA A 1 -22.69 -6.43 37.08
N GLU A 2 -23.30 -7.11 36.14
CA GLU A 2 -22.71 -7.33 34.83
C GLU A 2 -23.51 -6.62 33.76
N THR A 3 -22.80 -5.91 32.88
CA THR A 3 -23.43 -5.15 31.82
C THR A 3 -23.24 -5.81 30.46
N THR A 4 -24.29 -5.74 29.63
CA THR A 4 -24.23 -6.30 28.29
C THR A 4 -24.13 -5.11 27.33
N PRO A 5 -22.93 -4.84 26.79
CA PRO A 5 -22.78 -3.71 25.86
C PRO A 5 -23.72 -3.85 24.67
N TRP A 6 -24.19 -2.71 24.16
CA TRP A 6 -25.13 -2.70 23.05
C TRP A 6 -24.76 -3.59 21.88
N GLY A 7 -23.47 -3.62 21.55
CA GLY A 7 -23.02 -4.44 20.44
C GLY A 7 -23.39 -5.91 20.56
N GLN A 8 -23.28 -6.46 21.76
CA GLN A 8 -23.59 -7.87 21.98
C GLN A 8 -25.05 -8.16 21.66
N THR A 9 -25.94 -7.25 22.06
CA THR A 9 -27.36 -7.41 21.82
C THR A 9 -27.71 -7.23 20.35
N PHE A 10 -27.10 -6.23 19.71
CA PHE A 10 -27.39 -5.93 18.31
C PHE A 10 -27.04 -7.04 17.32
N VAL A 11 -25.96 -7.78 17.58
CA VAL A 11 -25.54 -8.84 16.68
C VAL A 11 -26.28 -10.15 16.95
N GLY A 12 -27.04 -10.19 18.04
CA GLY A 12 -27.81 -11.37 18.38
C GLY A 12 -27.09 -12.48 19.14
N ALA A 13 -25.93 -12.17 19.69
CA ALA A 13 -25.16 -13.17 20.43
C ALA A 13 -25.86 -13.63 21.71
N THR A 14 -26.58 -12.72 22.36
CA THR A 14 -27.26 -13.01 23.61
C THR A 14 -28.39 -14.04 23.51
N VAL A 15 -29.00 -14.19 22.34
CA VAL A 15 -30.09 -15.14 22.18
C VAL A 15 -29.66 -16.56 21.82
N LEU A 16 -28.42 -16.71 21.36
CA LEU A 16 -27.91 -18.03 21.01
C LEU A 16 -27.15 -18.57 22.22
N SER A 17 -26.65 -19.80 22.10
CA SER A 17 -25.89 -20.44 23.17
C SER A 17 -24.57 -20.98 22.65
N ASP A 18 -23.48 -20.69 23.38
CA ASP A 18 -22.16 -21.16 22.98
C ASP A 18 -21.83 -22.53 23.60
N SER A 19 -22.85 -23.27 24.00
CA SER A 19 -22.64 -24.58 24.63
C SER A 19 -21.81 -25.57 23.83
N GLN A 20 -21.79 -25.42 22.50
CA GLN A 20 -21.02 -26.33 21.65
C GLN A 20 -19.76 -25.68 21.09
N ALA A 21 -19.48 -24.45 21.51
CA ALA A 21 -18.33 -23.72 21.00
C ALA A 21 -16.98 -24.39 21.26
N GLY A 22 -16.96 -25.43 22.09
CA GLY A 22 -15.73 -26.14 22.36
C GLY A 22 -15.22 -26.83 21.10
N ASN A 23 -16.08 -26.93 20.09
CA ASN A 23 -15.67 -27.59 18.85
C ASN A 23 -15.04 -26.60 17.88
N ARG A 24 -14.90 -25.35 18.30
CA ARG A 24 -14.30 -24.30 17.47
C ARG A 24 -13.13 -23.65 18.21
N THR A 25 -12.21 -23.08 17.44
CA THR A 25 -11.04 -22.39 17.99
C THR A 25 -10.85 -21.10 17.22
N ILE A 26 -10.81 -19.98 17.95
CA ILE A 26 -10.60 -18.69 17.30
C ILE A 26 -9.26 -18.15 17.79
N CYS A 27 -8.44 -17.67 16.85
CA CYS A 27 -7.13 -17.13 17.19
C CYS A 27 -7.14 -15.63 17.03
N ILE A 28 -6.69 -14.94 18.06
CA ILE A 28 -6.64 -13.50 18.05
C ILE A 28 -5.20 -13.01 17.85
N ILE A 29 -4.93 -12.45 16.68
CA ILE A 29 -3.61 -11.90 16.39
C ILE A 29 -3.74 -10.42 16.75
N ASP A 30 -3.10 -10.03 17.85
CA ASP A 30 -3.24 -8.65 18.32
C ASP A 30 -2.11 -8.29 19.30
N SER A 31 -2.43 -7.49 20.31
CA SER A 31 -1.42 -7.04 21.29
C SER A 31 -1.38 -7.82 22.59
N GLY A 32 -1.85 -9.06 22.58
CA GLY A 32 -1.81 -9.85 23.81
C GLY A 32 -3.15 -9.92 24.52
N TYR A 33 -3.17 -10.72 25.57
CA TYR A 33 -4.37 -10.99 26.35
C TYR A 33 -4.06 -10.89 27.84
N ASP A 34 -4.72 -9.97 28.56
CA ASP A 34 -4.45 -9.86 30.00
C ASP A 34 -5.17 -10.98 30.74
N ARG A 35 -4.47 -12.10 30.88
CA ARG A 35 -5.03 -13.27 31.53
C ARG A 35 -5.31 -13.07 33.02
N SER A 36 -4.78 -12.00 33.60
CA SER A 36 -5.00 -11.75 35.02
C SER A 36 -6.37 -11.10 35.28
N HIS A 37 -7.00 -10.65 34.20
CA HIS A 37 -8.31 -9.99 34.29
C HIS A 37 -9.41 -10.96 34.72
N ASN A 38 -10.25 -10.55 35.66
CA ASN A 38 -11.33 -11.40 36.15
C ASN A 38 -12.32 -11.86 35.09
N ASP A 39 -12.50 -11.08 34.04
CA ASP A 39 -13.44 -11.44 32.99
C ASP A 39 -12.78 -12.22 31.85
N LEU A 40 -11.49 -12.53 32.00
CA LEU A 40 -10.76 -13.25 30.96
C LEU A 40 -9.89 -14.41 31.46
N ASN A 41 -9.55 -14.39 32.75
CA ASN A 41 -8.69 -15.43 33.31
C ASN A 41 -9.11 -16.87 33.11
N ALA A 42 -10.37 -17.18 33.38
CA ALA A 42 -10.87 -18.55 33.28
C ALA A 42 -11.42 -19.00 31.94
N ASN A 43 -10.99 -18.38 30.85
CA ASN A 43 -11.45 -18.81 29.54
C ASN A 43 -10.58 -19.98 29.10
N ASN A 44 -11.03 -20.72 28.09
CA ASN A 44 -10.26 -21.85 27.57
C ASN A 44 -9.30 -21.20 26.60
N VAL A 45 -8.34 -20.48 27.16
CA VAL A 45 -7.37 -19.75 26.36
C VAL A 45 -5.94 -20.25 26.47
N THR A 46 -5.26 -20.26 25.32
CA THR A 46 -3.87 -20.67 25.22
C THR A 46 -3.20 -19.68 24.28
N GLY A 47 -1.88 -19.81 24.13
CA GLY A 47 -1.16 -18.91 23.26
C GLY A 47 0.21 -19.45 22.91
N THR A 48 0.86 -18.81 21.93
CA THR A 48 2.19 -19.22 21.50
C THR A 48 3.10 -18.01 21.57
N ASN A 49 4.03 -18.01 22.52
CA ASN A 49 4.95 -16.89 22.68
C ASN A 49 5.88 -16.70 21.51
N ASN A 50 6.30 -15.45 21.32
CA ASN A 50 7.24 -15.09 20.27
C ASN A 50 8.34 -14.28 20.95
N SER A 51 9.59 -14.55 20.58
CA SER A 51 10.73 -13.87 21.18
C SER A 51 10.66 -12.34 21.15
N GLY A 52 9.94 -11.78 20.20
CA GLY A 52 9.86 -10.33 20.13
C GLY A 52 8.76 -9.66 20.94
N THR A 53 7.85 -10.45 21.50
CA THR A 53 6.74 -9.85 22.24
C THR A 53 6.48 -10.39 23.65
N GLY A 54 7.50 -10.98 24.28
CA GLY A 54 7.33 -11.51 25.62
C GLY A 54 6.26 -12.58 25.75
N ASN A 55 5.43 -12.45 26.79
CA ASN A 55 4.37 -13.42 27.04
C ASN A 55 3.03 -12.98 26.46
N TRP A 56 2.38 -13.90 25.76
CA TRP A 56 1.08 -13.59 25.15
C TRP A 56 0.05 -13.20 26.19
N TYR A 57 0.21 -13.73 27.40
CA TYR A 57 -0.74 -13.46 28.49
C TYR A 57 -0.42 -12.22 29.33
N GLN A 58 0.57 -11.46 28.88
CA GLN A 58 0.97 -10.23 29.57
C GLN A 58 1.14 -9.15 28.52
N PRO A 59 0.08 -8.38 28.25
CA PRO A 59 0.16 -7.31 27.26
C PRO A 59 1.22 -6.26 27.55
N GLY A 60 1.48 -6.03 28.82
CA GLY A 60 2.46 -5.02 29.19
C GLY A 60 1.71 -3.74 29.52
N ASN A 61 2.39 -2.60 29.45
CA ASN A 61 1.74 -1.32 29.74
C ASN A 61 1.27 -0.60 28.48
N ASN A 62 0.11 0.04 28.59
CA ASN A 62 -0.48 0.80 27.48
C ASN A 62 -0.48 0.00 26.18
N ASN A 63 -0.93 -1.24 26.27
CA ASN A 63 -0.98 -2.16 25.14
C ASN A 63 -2.21 -3.05 25.34
N ALA A 64 -3.32 -2.42 25.70
CA ALA A 64 -4.57 -3.12 26.01
C ALA A 64 -5.50 -3.45 24.85
N HIS A 65 -5.14 -3.05 23.64
CA HIS A 65 -5.99 -3.29 22.47
C HIS A 65 -6.45 -4.73 22.34
N GLY A 66 -5.50 -5.66 22.40
CA GLY A 66 -5.83 -7.08 22.28
C GLY A 66 -6.77 -7.59 23.35
N THR A 67 -6.67 -7.01 24.54
CA THR A 67 -7.51 -7.40 25.65
C THR A 67 -8.94 -6.90 25.43
N HIS A 68 -9.06 -5.74 24.79
CA HIS A 68 -10.37 -5.16 24.50
C HIS A 68 -11.04 -6.05 23.45
N VAL A 69 -10.29 -6.37 22.41
CA VAL A 69 -10.78 -7.23 21.35
C VAL A 69 -11.22 -8.59 21.92
N ALA A 70 -10.39 -9.17 22.78
CA ALA A 70 -10.69 -10.47 23.37
C ALA A 70 -11.95 -10.42 24.21
N GLY A 71 -12.16 -9.32 24.92
CA GLY A 71 -13.33 -9.17 25.75
C GLY A 71 -14.61 -9.16 24.94
N THR A 72 -14.54 -8.57 23.75
CA THR A 72 -15.72 -8.53 22.89
C THR A 72 -16.07 -9.94 22.43
N ILE A 73 -15.03 -10.76 22.23
CA ILE A 73 -15.21 -12.13 21.80
C ILE A 73 -15.61 -13.08 22.91
N ALA A 74 -15.00 -12.93 24.09
CA ALA A 74 -15.28 -13.87 25.17
C ALA A 74 -15.24 -13.40 26.61
N ALA A 75 -15.61 -12.15 26.88
CA ALA A 75 -15.63 -11.70 28.27
C ALA A 75 -16.57 -12.68 28.98
N ILE A 76 -16.14 -13.18 30.13
CA ILE A 76 -16.88 -14.19 30.87
C ILE A 76 -18.15 -13.71 31.59
N ALA A 77 -19.21 -14.52 31.49
CA ALA A 77 -20.48 -14.23 32.15
C ALA A 77 -20.28 -14.64 33.60
N ASN A 78 -20.35 -13.66 34.50
CA ASN A 78 -20.11 -13.93 35.92
C ASN A 78 -20.63 -12.86 36.89
N ASN A 79 -21.66 -12.12 36.51
CA ASN A 79 -22.21 -11.08 37.39
C ASN A 79 -21.25 -9.91 37.69
N GLU A 80 -20.28 -9.68 36.82
CA GLU A 80 -19.36 -8.55 37.00
C GLU A 80 -18.82 -8.18 35.64
N GLY A 81 -18.40 -6.92 35.48
CA GLY A 81 -17.87 -6.49 34.20
C GLY A 81 -18.87 -6.59 33.05
N VAL A 82 -18.46 -7.23 31.96
CA VAL A 82 -19.32 -7.38 30.79
C VAL A 82 -19.38 -8.83 30.33
N VAL A 83 -19.89 -9.04 29.11
CA VAL A 83 -19.98 -10.36 28.50
C VAL A 83 -19.62 -10.24 27.03
N GLY A 84 -18.96 -11.28 26.51
CA GLY A 84 -18.57 -11.30 25.12
C GLY A 84 -19.54 -12.16 24.32
N VAL A 85 -19.27 -12.33 23.04
CA VAL A 85 -20.14 -13.14 22.18
C VAL A 85 -20.30 -14.57 22.67
N MET A 86 -19.22 -15.15 23.18
CA MET A 86 -19.22 -16.51 23.72
C MET A 86 -18.65 -16.36 25.13
N PRO A 87 -19.52 -16.05 26.10
CA PRO A 87 -19.16 -15.83 27.50
C PRO A 87 -19.16 -16.98 28.50
N ASN A 88 -19.53 -18.18 28.08
CA ASN A 88 -19.60 -19.28 29.04
C ASN A 88 -18.44 -20.26 29.15
N GLN A 89 -17.23 -19.79 28.83
CA GLN A 89 -16.04 -20.60 28.96
C GLN A 89 -16.07 -21.92 28.20
N ASN A 90 -16.55 -21.88 26.95
CA ASN A 90 -16.63 -23.06 26.10
C ASN A 90 -15.67 -22.96 24.91
N ALA A 91 -15.74 -21.82 24.21
CA ALA A 91 -14.91 -21.59 23.04
C ALA A 91 -13.42 -21.67 23.34
N ASN A 92 -12.67 -22.22 22.39
CA ASN A 92 -11.23 -22.30 22.55
C ASN A 92 -10.66 -21.03 21.93
N ILE A 93 -9.79 -20.37 22.67
CA ILE A 93 -9.18 -19.14 22.20
C ILE A 93 -7.66 -19.30 22.19
N HIS A 94 -7.03 -18.89 21.10
CA HIS A 94 -5.58 -18.96 21.02
C HIS A 94 -5.08 -17.56 20.77
N ILE A 95 -4.03 -17.17 21.48
CA ILE A 95 -3.48 -15.84 21.37
C ILE A 95 -2.09 -15.77 20.74
N VAL A 96 -1.94 -14.90 19.74
CA VAL A 96 -0.65 -14.68 19.11
C VAL A 96 -0.43 -13.18 19.23
N LYS A 97 0.53 -12.81 20.07
CA LYS A 97 0.83 -11.41 20.33
C LYS A 97 1.89 -10.87 19.37
N VAL A 98 1.46 -10.04 18.44
CA VAL A 98 2.38 -9.47 17.46
C VAL A 98 2.71 -8.00 17.73
N PHE A 99 1.97 -7.37 18.64
CA PHE A 99 2.22 -5.97 18.98
C PHE A 99 2.64 -5.73 20.42
N ASN A 100 3.64 -4.88 20.58
CA ASN A 100 4.12 -4.48 21.89
C ASN A 100 3.63 -3.05 22.05
N GLU A 101 3.85 -2.45 23.20
CA GLU A 101 3.43 -1.08 23.44
C GLU A 101 3.96 -0.16 22.34
N ALA A 102 5.23 -0.35 21.98
CA ALA A 102 5.88 0.47 20.96
C ALA A 102 5.39 0.24 19.54
N GLY A 103 4.78 -0.92 19.29
CA GLY A 103 4.30 -1.22 17.96
C GLY A 103 4.57 -2.67 17.58
N TRP A 104 4.50 -2.98 16.30
CA TRP A 104 4.75 -4.34 15.85
C TRP A 104 6.10 -4.83 16.35
N GLY A 105 6.11 -5.97 17.03
CA GLY A 105 7.35 -6.51 17.55
C GLY A 105 7.56 -7.99 17.28
N TYR A 106 6.64 -8.59 16.55
CA TYR A 106 6.74 -10.02 16.21
C TYR A 106 8.06 -10.24 15.49
N SER A 107 8.74 -11.33 15.81
CA SER A 107 10.03 -11.64 15.19
C SER A 107 9.87 -11.99 13.72
N SER A 108 8.64 -12.29 13.30
CA SER A 108 8.40 -12.65 11.91
C SER A 108 7.23 -11.89 11.28
N SER A 109 6.72 -12.44 10.19
CA SER A 109 5.63 -11.83 9.42
C SER A 109 4.22 -12.15 9.90
N LEU A 110 3.25 -11.49 9.27
CA LEU A 110 1.84 -11.72 9.58
C LEU A 110 1.53 -13.14 9.13
N VAL A 111 2.09 -13.54 7.99
CA VAL A 111 1.86 -14.88 7.47
C VAL A 111 2.33 -15.90 8.51
N ALA A 112 3.47 -15.63 9.14
CA ALA A 112 4.01 -16.52 10.16
C ALA A 112 3.08 -16.58 11.36
N ALA A 113 2.49 -15.43 11.72
CA ALA A 113 1.58 -15.36 12.86
C ALA A 113 0.35 -16.21 12.56
N ILE A 114 -0.16 -16.10 11.34
CA ILE A 114 -1.33 -16.88 10.94
C ILE A 114 -0.98 -18.36 10.93
N ASP A 115 0.23 -18.69 10.47
CA ASP A 115 0.67 -20.08 10.44
C ASP A 115 0.65 -20.63 11.86
N THR A 116 1.12 -19.82 12.82
CA THR A 116 1.14 -20.23 14.22
C THR A 116 -0.27 -20.48 14.71
N CYS A 117 -1.19 -19.59 14.37
CA CYS A 117 -2.58 -19.72 14.76
C CYS A 117 -3.14 -21.08 14.33
N VAL A 118 -2.87 -21.44 13.08
CA VAL A 118 -3.36 -22.69 12.52
C VAL A 118 -2.61 -23.94 12.97
N ASN A 119 -1.28 -23.91 12.88
CA ASN A 119 -0.47 -25.06 13.27
C ASN A 119 -0.31 -25.29 14.76
N SER A 120 -0.08 -24.23 15.51
CA SER A 120 0.09 -24.36 16.96
C SER A 120 -1.22 -24.23 17.72
N GLY A 121 -2.10 -23.36 17.25
CA GLY A 121 -3.36 -23.16 17.94
C GLY A 121 -4.55 -23.96 17.42
N GLY A 122 -4.43 -24.54 16.24
CA GLY A 122 -5.53 -25.30 15.67
C GLY A 122 -6.72 -24.42 15.32
N ALA A 123 -6.44 -23.17 14.99
CA ALA A 123 -7.48 -22.20 14.67
C ALA A 123 -8.39 -22.55 13.50
N ASN A 124 -9.68 -22.26 13.67
CA ASN A 124 -10.68 -22.46 12.63
C ASN A 124 -10.98 -21.06 12.10
N VAL A 125 -10.87 -20.08 13.01
CA VAL A 125 -11.13 -18.68 12.70
C VAL A 125 -9.93 -17.85 13.17
N VAL A 126 -9.48 -16.93 12.32
CA VAL A 126 -8.35 -16.06 12.66
C VAL A 126 -8.86 -14.63 12.51
N THR A 127 -8.83 -13.90 13.63
CA THR A 127 -9.32 -12.53 13.65
C THR A 127 -8.16 -11.54 13.80
N MET A 128 -8.14 -10.55 12.92
CA MET A 128 -7.05 -9.58 12.89
C MET A 128 -7.50 -8.13 12.87
N SER A 129 -7.51 -7.49 14.03
CA SER A 129 -7.91 -6.09 14.14
C SER A 129 -6.66 -5.24 13.93
N LEU A 130 -6.10 -5.35 12.72
CA LEU A 130 -4.88 -4.65 12.39
C LEU A 130 -4.71 -4.66 10.88
N GLY A 131 -3.69 -3.94 10.40
CA GLY A 131 -3.45 -3.92 8.98
C GLY A 131 -2.38 -2.94 8.55
N GLY A 132 -2.11 -2.95 7.26
CA GLY A 132 -1.11 -2.05 6.69
C GLY A 132 -1.58 -1.67 5.30
N SER A 133 -0.91 -0.70 4.70
CA SER A 133 -1.31 -0.24 3.37
C SER A 133 -0.73 -1.07 2.24
N GLY A 134 0.35 -1.79 2.52
CA GLY A 134 0.98 -2.61 1.49
C GLY A 134 0.35 -3.96 1.24
N SER A 135 0.57 -4.47 0.03
CA SER A 135 0.06 -5.78 -0.37
C SER A 135 1.11 -6.51 -1.19
N THR A 136 1.17 -7.83 -1.07
CA THR A 136 2.15 -8.62 -1.83
C THR A 136 1.54 -9.91 -2.37
N THR A 137 2.14 -10.46 -3.42
CA THR A 137 1.64 -11.69 -4.01
C THR A 137 1.86 -12.88 -3.08
N THR A 138 3.03 -12.93 -2.44
CA THR A 138 3.34 -14.02 -1.53
C THR A 138 2.34 -14.08 -0.39
N GLU A 139 1.98 -12.92 0.14
CA GLU A 139 1.03 -12.86 1.25
C GLU A 139 -0.37 -13.23 0.76
N ARG A 140 -0.76 -12.68 -0.38
CA ARG A 140 -2.08 -12.98 -0.95
C ARG A 140 -2.23 -14.49 -1.14
N ASN A 141 -1.20 -15.11 -1.70
CA ASN A 141 -1.22 -16.56 -1.94
C ASN A 141 -1.29 -17.37 -0.65
N ALA A 142 -0.50 -16.96 0.35
CA ALA A 142 -0.48 -17.66 1.63
C ALA A 142 -1.83 -17.64 2.34
N LEU A 143 -2.47 -16.48 2.34
CA LEU A 143 -3.77 -16.37 2.98
C LEU A 143 -4.85 -17.08 2.19
N ASN A 144 -4.75 -17.06 0.86
CA ASN A 144 -5.72 -17.75 0.03
C ASN A 144 -5.63 -19.25 0.31
N THR A 145 -4.41 -19.73 0.53
CA THR A 145 -4.19 -21.14 0.81
C THR A 145 -4.85 -21.52 2.13
N HIS A 146 -4.65 -20.72 3.16
CA HIS A 146 -5.26 -20.99 4.46
C HIS A 146 -6.78 -20.99 4.34
N TYR A 147 -7.31 -20.01 3.63
CA TYR A 147 -8.76 -19.89 3.43
C TYR A 147 -9.32 -21.11 2.70
N ASN A 148 -8.68 -21.52 1.60
CA ASN A 148 -9.15 -22.68 0.85
C ASN A 148 -8.98 -23.95 1.67
N ASN A 149 -8.07 -23.94 2.63
CA ASN A 149 -7.85 -25.10 3.48
C ASN A 149 -8.92 -25.17 4.58
N GLY A 150 -9.80 -24.17 4.63
CA GLY A 150 -10.86 -24.17 5.61
C GLY A 150 -10.74 -23.24 6.80
N VAL A 151 -9.83 -22.26 6.73
CA VAL A 151 -9.67 -21.31 7.84
C VAL A 151 -10.34 -19.99 7.49
N LEU A 152 -11.26 -19.55 8.34
CA LEU A 152 -11.97 -18.29 8.11
C LEU A 152 -11.13 -17.12 8.60
N LEU A 153 -10.80 -16.21 7.68
CA LEU A 153 -9.98 -15.06 7.99
C LEU A 153 -10.83 -13.79 8.02
N ILE A 154 -10.74 -13.04 9.10
CA ILE A 154 -11.53 -11.82 9.28
C ILE A 154 -10.62 -10.69 9.77
N ALA A 155 -10.73 -9.52 9.14
CA ALA A 155 -9.88 -8.39 9.52
C ALA A 155 -10.57 -7.04 9.43
N ALA A 156 -10.03 -6.06 10.14
CA ALA A 156 -10.56 -4.71 10.18
C ALA A 156 -10.27 -3.91 8.90
N ALA A 157 -11.25 -3.13 8.46
CA ALA A 157 -11.10 -2.32 7.25
C ALA A 157 -10.18 -1.12 7.41
N GLY A 158 -9.99 -0.65 8.65
CA GLY A 158 -9.13 0.50 8.86
C GLY A 158 -9.89 1.74 9.29
N ASN A 159 -9.22 2.65 9.99
CA ASN A 159 -9.89 3.85 10.49
C ASN A 159 -9.42 5.16 9.88
N ALA A 160 -8.89 5.10 8.67
CA ALA A 160 -8.38 6.30 7.99
C ALA A 160 -9.43 7.25 7.43
N GLY A 161 -10.69 6.83 7.44
CA GLY A 161 -11.75 7.68 6.94
C GLY A 161 -11.70 7.97 5.45
N ASP A 162 -11.11 7.06 4.68
CA ASP A 162 -11.01 7.23 3.23
C ASP A 162 -11.29 5.91 2.52
N SER A 163 -11.03 5.88 1.21
CA SER A 163 -11.29 4.66 0.43
C SER A 163 -10.08 3.75 0.29
N SER A 164 -9.02 4.00 1.05
CA SER A 164 -7.83 3.19 0.93
C SER A 164 -8.05 1.75 1.38
N TYR A 165 -7.30 0.85 0.77
CA TYR A 165 -7.37 -0.57 1.10
C TYR A 165 -6.36 -0.86 2.19
N SER A 166 -6.82 -1.51 3.26
CA SER A 166 -5.93 -1.91 4.32
C SER A 166 -5.86 -3.42 4.18
N TYR A 167 -4.67 -3.98 4.36
CA TYR A 167 -4.48 -5.42 4.24
C TYR A 167 -4.10 -5.93 5.63
N PRO A 168 -4.41 -7.20 5.92
CA PRO A 168 -5.06 -8.24 5.11
C PRO A 168 -6.55 -8.13 4.76
N ALA A 169 -7.28 -7.20 5.37
CA ALA A 169 -8.70 -7.07 5.11
C ALA A 169 -9.07 -7.03 3.62
N SER A 170 -8.28 -6.33 2.83
CA SER A 170 -8.59 -6.17 1.41
C SER A 170 -8.21 -7.29 0.45
N TYR A 171 -7.76 -8.42 0.97
CA TYR A 171 -7.45 -9.56 0.12
C TYR A 171 -8.78 -10.31 -0.06
N ASP A 172 -8.97 -10.98 -1.20
CA ASP A 172 -10.22 -11.72 -1.44
C ASP A 172 -10.48 -12.85 -0.44
N SER A 173 -9.42 -13.37 0.15
CA SER A 173 -9.52 -14.48 1.10
C SER A 173 -9.87 -14.06 2.52
N VAL A 174 -10.03 -12.75 2.74
CA VAL A 174 -10.33 -12.22 4.06
C VAL A 174 -11.57 -11.34 4.10
N MET A 175 -12.35 -11.46 5.18
CA MET A 175 -13.55 -10.64 5.34
C MET A 175 -13.15 -9.27 5.86
N SER A 176 -13.43 -8.22 5.09
CA SER A 176 -13.13 -6.85 5.50
C SER A 176 -14.33 -6.33 6.31
N VAL A 177 -14.07 -5.97 7.56
CA VAL A 177 -15.13 -5.50 8.46
C VAL A 177 -15.18 -4.00 8.71
N ALA A 178 -16.36 -3.41 8.53
CA ALA A 178 -16.60 -1.99 8.74
C ALA A 178 -17.24 -1.75 10.10
N ALA A 179 -17.20 -0.51 10.57
CA ALA A 179 -17.77 -0.16 11.86
C ALA A 179 -19.01 0.71 11.75
N VAL A 180 -19.99 0.44 12.62
CA VAL A 180 -21.22 1.23 12.67
C VAL A 180 -21.50 1.52 14.15
N ASP A 181 -22.30 2.54 14.42
CA ASP A 181 -22.63 2.88 15.81
C ASP A 181 -23.96 2.26 16.24
N SER A 182 -24.42 2.58 17.46
CA SER A 182 -25.65 1.99 17.97
C SER A 182 -26.95 2.37 17.28
N ASN A 183 -26.87 3.22 16.25
CA ASN A 183 -28.07 3.58 15.49
C ASN A 183 -27.90 2.96 14.11
N LEU A 184 -26.84 2.14 13.99
CA LEU A 184 -26.49 1.46 12.75
C LEU A 184 -25.96 2.40 11.69
N ASP A 185 -25.52 3.58 12.12
CA ASP A 185 -24.97 4.55 11.18
C ASP A 185 -23.50 4.25 10.94
N HIS A 186 -23.06 4.45 9.70
CA HIS A 186 -21.67 4.21 9.33
C HIS A 186 -20.75 5.13 10.13
N ALA A 187 -19.71 4.54 10.74
CA ALA A 187 -18.75 5.32 11.52
C ALA A 187 -17.90 6.15 10.55
N ALA A 188 -17.85 7.46 10.80
CA ALA A 188 -17.10 8.37 9.94
C ALA A 188 -15.67 7.93 9.63
N PHE A 189 -15.00 7.29 10.58
CA PHE A 189 -13.63 6.85 10.40
C PHE A 189 -13.45 5.54 9.64
N SER A 190 -14.51 4.76 9.51
CA SER A 190 -14.43 3.46 8.86
C SER A 190 -14.14 3.54 7.36
N GLN A 191 -12.99 3.02 6.95
CA GLN A 191 -12.61 3.04 5.55
C GLN A 191 -13.65 2.35 4.69
N TYR A 192 -13.99 2.99 3.57
CA TYR A 192 -14.98 2.45 2.65
C TYR A 192 -14.33 1.99 1.35
N THR A 193 -14.51 0.71 1.02
CA THR A 193 -13.93 0.13 -0.18
C THR A 193 -14.85 -0.93 -0.77
N ASP A 194 -14.51 -1.40 -1.97
CA ASP A 194 -15.32 -2.43 -2.60
C ASP A 194 -14.98 -3.79 -2.03
N GLN A 195 -14.14 -3.80 -1.00
CA GLN A 195 -13.76 -5.05 -0.33
C GLN A 195 -14.58 -5.17 0.96
N VAL A 196 -14.99 -4.03 1.52
CA VAL A 196 -15.80 -4.04 2.76
C VAL A 196 -16.93 -5.02 2.53
N GLU A 197 -17.02 -6.00 3.42
CA GLU A 197 -17.98 -7.08 3.29
C GLU A 197 -19.13 -7.13 4.28
N ILE A 198 -18.86 -6.76 5.53
CA ILE A 198 -19.88 -6.83 6.55
C ILE A 198 -19.57 -5.81 7.63
N SER A 199 -20.57 -5.43 8.42
CA SER A 199 -20.38 -4.44 9.47
C SER A 199 -20.62 -4.99 10.86
N GLY A 200 -20.04 -4.33 11.85
CA GLY A 200 -20.20 -4.73 13.23
C GLY A 200 -20.12 -3.50 14.13
N PRO A 201 -20.53 -3.62 15.39
CA PRO A 201 -20.49 -2.52 16.37
C PRO A 201 -19.06 -1.97 16.50
N GLY A 202 -18.86 -0.69 16.19
CA GLY A 202 -17.53 -0.12 16.27
C GLY A 202 -17.36 1.25 16.89
N GLU A 203 -18.44 1.84 17.40
CA GLU A 203 -18.36 3.15 18.04
C GLU A 203 -18.85 2.99 19.47
N ALA A 204 -18.07 3.50 20.41
CA ALA A 204 -18.42 3.43 21.83
C ALA A 204 -18.68 1.99 22.25
N ILE A 205 -17.65 1.16 22.10
CA ILE A 205 -17.73 -0.26 22.44
C ILE A 205 -17.05 -0.50 23.79
N LEU A 206 -17.85 -0.88 24.78
CA LEU A 206 -17.33 -1.17 26.12
C LEU A 206 -16.80 -2.59 26.18
N SER A 207 -15.58 -2.75 26.70
CA SER A 207 -14.99 -4.08 26.83
C SER A 207 -13.89 -4.07 27.88
N THR A 208 -13.28 -5.23 28.08
CA THR A 208 -12.20 -5.40 29.04
C THR A 208 -10.90 -4.78 28.54
N VAL A 209 -10.10 -4.25 29.46
CA VAL A 209 -8.80 -3.69 29.11
C VAL A 209 -7.83 -4.11 30.21
N THR A 210 -6.54 -4.01 29.93
CA THR A 210 -5.53 -4.38 30.92
C THR A 210 -5.92 -3.78 32.26
N VAL A 211 -5.90 -4.61 33.30
CA VAL A 211 -6.29 -4.18 34.63
C VAL A 211 -5.71 -2.83 35.06
N GLY A 212 -6.62 -1.94 35.48
CA GLY A 212 -6.22 -0.62 35.93
C GLY A 212 -5.99 0.45 34.88
N GLU A 213 -6.00 0.08 33.60
CA GLU A 213 -5.77 1.06 32.54
C GLU A 213 -7.02 1.66 31.94
N GLY A 214 -8.18 1.17 32.36
CA GLY A 214 -9.44 1.65 31.82
C GLY A 214 -10.04 2.88 32.48
N ARG A 215 -11.22 3.25 32.01
CA ARG A 215 -11.92 4.42 32.51
C ARG A 215 -13.41 4.23 32.27
N LEU A 216 -14.22 4.67 33.22
CA LEU A 216 -15.66 4.54 33.10
C LEU A 216 -16.37 5.80 33.55
N ALA A 217 -17.68 5.86 33.30
CA ALA A 217 -18.47 7.00 33.70
C ALA A 217 -19.81 6.51 34.22
N ASP A 218 -20.53 7.39 34.90
CA ASP A 218 -21.82 7.03 35.45
C ASP A 218 -22.67 8.28 35.67
N ILE A 219 -23.98 8.08 35.69
CA ILE A 219 -24.95 9.13 35.93
C ILE A 219 -25.93 8.50 36.89
N THR A 220 -26.15 9.15 38.04
CA THR A 220 -27.07 8.61 39.02
C THR A 220 -28.11 9.64 39.43
N ILE A 221 -29.36 9.19 39.47
CA ILE A 221 -30.49 10.03 39.86
C ILE A 221 -31.45 9.14 40.64
N GLY A 222 -31.87 9.61 41.81
CA GLY A 222 -32.78 8.83 42.63
C GLY A 222 -32.19 7.50 43.05
N GLY A 223 -30.88 7.46 43.25
CA GLY A 223 -30.21 6.24 43.66
C GLY A 223 -30.12 5.18 42.59
N GLN A 224 -30.46 5.55 41.35
CA GLN A 224 -30.40 4.61 40.24
C GLN A 224 -29.36 5.04 39.21
N SER A 225 -28.71 4.07 38.59
CA SER A 225 -27.66 4.33 37.61
C SER A 225 -28.04 4.15 36.13
N TYR A 226 -27.49 5.01 35.29
CA TYR A 226 -27.73 4.97 33.85
C TYR A 226 -26.57 4.24 33.15
N PHE A 227 -25.71 3.61 33.94
CA PHE A 227 -24.56 2.90 33.38
C PHE A 227 -24.90 1.95 32.23
N SER A 228 -25.92 1.13 32.41
CA SER A 228 -26.30 0.17 31.38
C SER A 228 -26.84 0.82 30.11
N ASN A 229 -27.23 2.09 30.21
CA ASN A 229 -27.74 2.81 29.05
C ASN A 229 -26.56 3.21 28.17
N GLY A 230 -25.39 3.28 28.78
CA GLY A 230 -24.21 3.67 28.05
C GLY A 230 -23.83 5.10 28.38
N VAL A 231 -22.82 5.25 29.24
CA VAL A 231 -22.33 6.57 29.63
C VAL A 231 -20.84 6.60 29.35
N VAL A 232 -20.45 7.41 28.37
CA VAL A 232 -19.06 7.51 27.97
C VAL A 232 -18.31 8.69 28.55
N PRO A 233 -17.21 8.43 29.27
CA PRO A 233 -16.45 9.55 29.86
C PRO A 233 -15.79 10.31 28.70
N HIS A 234 -15.90 11.63 28.71
CA HIS A 234 -15.32 12.42 27.63
C HIS A 234 -13.83 12.21 27.42
N ASN A 235 -13.47 11.79 26.20
CA ASN A 235 -12.08 11.57 25.83
C ASN A 235 -11.48 12.95 25.61
N ARG A 236 -11.13 13.62 26.70
CA ARG A 236 -10.57 14.96 26.67
C ARG A 236 -9.11 15.04 26.25
N LEU A 237 -8.82 15.97 25.34
CA LEU A 237 -7.46 16.18 24.86
C LEU A 237 -7.11 17.66 25.02
N THR A 238 -5.91 17.94 25.50
CA THR A 238 -5.46 19.32 25.67
C THR A 238 -4.08 19.47 25.01
N PRO A 239 -3.70 20.70 24.66
CA PRO A 239 -2.41 20.94 24.02
C PRO A 239 -1.20 20.41 24.79
N SER A 240 -0.29 19.78 24.06
CA SER A 240 0.93 19.22 24.62
C SER A 240 2.06 19.40 23.61
N GLY A 241 2.56 20.63 23.51
CA GLY A 241 3.63 20.91 22.58
C GLY A 241 3.10 21.17 21.18
N THR A 242 3.58 20.41 20.21
CA THR A 242 3.15 20.56 18.83
C THR A 242 1.94 19.69 18.53
N SER A 243 1.23 19.26 19.57
CA SER A 243 0.07 18.42 19.37
C SER A 243 -0.86 18.38 20.59
N TYR A 244 -1.73 17.39 20.61
CA TYR A 244 -2.69 17.21 21.70
C TYR A 244 -2.39 15.93 22.46
N ALA A 245 -2.69 15.92 23.75
CA ALA A 245 -2.45 14.76 24.59
C ALA A 245 -3.64 14.54 25.50
N PRO A 246 -3.89 13.29 25.93
CA PRO A 246 -5.00 13.01 26.82
C PRO A 246 -4.90 13.73 28.16
N ALA A 247 -6.01 14.34 28.57
CA ALA A 247 -6.09 15.06 29.83
C ALA A 247 -7.47 14.78 30.39
N PRO A 248 -7.71 13.53 30.81
CA PRO A 248 -9.02 13.15 31.36
C PRO A 248 -9.33 13.81 32.69
N ILE A 249 -10.61 14.12 32.89
CA ILE A 249 -11.07 14.70 34.14
C ILE A 249 -11.82 13.58 34.85
N ASN A 250 -11.20 13.03 35.89
CA ASN A 250 -11.84 11.96 36.64
C ASN A 250 -12.24 12.51 38.00
N ALA A 251 -13.53 12.72 38.18
CA ALA A 251 -14.08 13.24 39.41
C ALA A 251 -15.59 13.08 39.37
N SER A 252 -16.24 13.45 40.47
CA SER A 252 -17.69 13.35 40.57
C SER A 252 -18.26 14.73 40.85
N ALA A 253 -19.45 14.98 40.34
CA ALA A 253 -20.13 16.26 40.54
C ALA A 253 -21.60 15.97 40.81
N THR A 254 -22.18 16.69 41.76
CA THR A 254 -23.57 16.50 42.12
C THR A 254 -24.30 17.84 42.14
N GLY A 255 -25.51 17.85 41.59
CA GLY A 255 -26.29 19.07 41.56
C GLY A 255 -27.60 18.86 40.83
N ALA A 256 -28.48 19.86 40.88
CA ALA A 256 -29.76 19.77 40.21
C ALA A 256 -29.53 19.71 38.70
N LEU A 257 -30.25 18.83 38.02
CA LEU A 257 -30.11 18.69 36.57
C LEU A 257 -30.82 19.83 35.85
N ALA A 258 -30.10 20.50 34.97
CA ALA A 258 -30.63 21.62 34.20
C ALA A 258 -30.15 21.47 32.76
N GLU A 259 -30.99 21.86 31.81
CA GLU A 259 -30.62 21.74 30.40
C GLU A 259 -30.38 23.06 29.70
N CYS A 260 -29.31 23.10 28.90
CA CYS A 260 -28.97 24.28 28.13
C CYS A 260 -29.68 24.09 26.79
N THR A 261 -30.73 24.88 26.56
CA THR A 261 -31.51 24.78 25.34
C THR A 261 -30.71 25.18 24.10
N VAL A 262 -30.90 24.43 23.02
CA VAL A 262 -30.21 24.69 21.76
C VAL A 262 -31.20 25.29 20.77
N ASN A 263 -30.90 26.51 20.32
CA ASN A 263 -31.75 27.19 19.36
C ASN A 263 -30.89 27.60 18.17
N GLY A 264 -31.06 26.90 17.05
CA GLY A 264 -30.27 27.20 15.87
C GLY A 264 -28.82 26.82 16.15
N THR A 265 -27.96 27.82 16.29
CA THR A 265 -26.55 27.58 16.56
C THR A 265 -26.16 28.28 17.87
N SER A 266 -27.16 28.79 18.57
CA SER A 266 -26.92 29.49 19.83
C SER A 266 -27.40 28.67 21.02
N PHE A 267 -26.77 28.88 22.18
CA PHE A 267 -27.14 28.17 23.39
C PHE A 267 -27.81 29.10 24.39
N SER A 268 -28.75 28.57 25.15
CA SER A 268 -29.45 29.31 26.17
C SER A 268 -29.28 28.52 27.46
N CYS A 269 -28.12 28.66 28.08
CA CYS A 269 -27.81 27.92 29.30
C CYS A 269 -28.31 28.59 30.57
N GLY A 270 -28.28 29.93 30.60
CA GLY A 270 -28.71 30.64 31.79
C GLY A 270 -27.62 30.46 32.83
N ASN A 271 -27.99 30.31 34.09
CA ASN A 271 -27.01 30.12 35.15
C ASN A 271 -26.93 28.65 35.54
N MET A 272 -25.82 28.01 35.19
CA MET A 272 -25.61 26.60 35.50
C MET A 272 -24.85 26.36 36.79
N ALA A 273 -24.52 27.44 37.50
CA ALA A 273 -23.78 27.30 38.75
C ALA A 273 -24.45 26.29 39.66
N ASN A 274 -23.65 25.41 40.24
CA ASN A 274 -24.15 24.38 41.15
C ASN A 274 -25.07 23.35 40.50
N LYS A 275 -25.07 23.29 39.18
CA LYS A 275 -25.95 22.35 38.50
C LYS A 275 -25.24 21.40 37.55
N ILE A 276 -25.92 20.30 37.22
CA ILE A 276 -25.42 19.32 36.27
C ILE A 276 -26.11 19.77 34.99
N CYS A 277 -25.32 20.17 34.01
CA CYS A 277 -25.83 20.70 32.76
C CYS A 277 -25.99 19.67 31.64
N LEU A 278 -27.24 19.49 31.21
CA LEU A 278 -27.59 18.58 30.14
C LEU A 278 -27.64 19.41 28.87
N VAL A 279 -26.99 18.95 27.81
CA VAL A 279 -26.98 19.71 26.56
C VAL A 279 -26.91 18.83 25.33
N GLU A 280 -27.68 19.19 24.30
CA GLU A 280 -27.68 18.43 23.07
C GLU A 280 -26.41 18.75 22.29
N ARG A 281 -25.82 17.73 21.68
CA ARG A 281 -24.60 17.93 20.91
C ARG A 281 -24.88 18.75 19.66
N VAL A 282 -24.06 19.76 19.42
CA VAL A 282 -24.21 20.60 18.22
C VAL A 282 -23.09 20.20 17.27
N GLY A 283 -23.47 19.61 16.14
CA GLY A 283 -22.49 19.17 15.17
C GLY A 283 -22.08 17.75 15.48
N ASN A 284 -21.13 17.22 14.71
CA ASN A 284 -20.64 15.87 14.92
C ASN A 284 -19.21 15.72 14.43
N GLN A 285 -18.51 14.77 15.03
CA GLN A 285 -17.12 14.51 14.67
C GLN A 285 -17.03 13.96 13.25
N GLY A 286 -16.01 14.41 12.54
CA GLY A 286 -15.78 13.97 11.17
C GLY A 286 -14.66 14.82 10.61
N SER A 287 -15.03 15.86 9.87
CA SER A 287 -14.04 16.76 9.30
C SER A 287 -13.48 17.64 10.42
N SER A 288 -14.22 17.70 11.53
CA SER A 288 -13.81 18.49 12.67
C SER A 288 -14.16 17.78 13.98
N TYR A 289 -13.85 18.43 15.10
CA TYR A 289 -14.13 17.88 16.43
C TYR A 289 -14.86 18.95 17.23
N PRO A 290 -16.18 19.07 17.02
CA PRO A 290 -17.07 20.04 17.67
C PRO A 290 -17.60 19.73 19.06
N GLU A 291 -17.21 18.60 19.65
CA GLU A 291 -17.70 18.24 20.96
C GLU A 291 -17.52 19.38 21.97
N ILE A 292 -16.42 20.12 21.83
CA ILE A 292 -16.11 21.22 22.73
C ILE A 292 -17.14 22.35 22.76
N ASN A 293 -17.90 22.51 21.68
CA ASN A 293 -18.89 23.58 21.61
C ASN A 293 -20.04 23.46 22.61
N SER A 294 -20.77 22.36 22.56
CA SER A 294 -21.88 22.18 23.50
C SER A 294 -21.35 22.03 24.92
N THR A 295 -20.20 21.36 25.05
CA THR A 295 -19.59 21.13 26.35
C THR A 295 -19.17 22.45 27.00
N LYS A 296 -18.55 23.32 26.22
CA LYS A 296 -18.08 24.61 26.73
C LYS A 296 -19.24 25.53 27.09
N ALA A 297 -20.34 25.43 26.33
CA ALA A 297 -21.51 26.26 26.60
C ALA A 297 -21.93 26.03 28.04
N CYS A 298 -21.96 24.76 28.44
CA CYS A 298 -22.34 24.38 29.78
C CYS A 298 -21.32 24.90 30.80
N LYS A 299 -20.04 24.65 30.55
CA LYS A 299 -18.97 25.07 31.45
C LYS A 299 -18.98 26.58 31.68
N THR A 300 -19.04 27.34 30.58
CA THR A 300 -19.06 28.79 30.67
C THR A 300 -20.20 29.27 31.55
N ALA A 301 -21.32 28.54 31.49
CA ALA A 301 -22.50 28.88 32.29
C ALA A 301 -22.27 28.58 33.77
N GLY A 302 -21.17 27.88 34.07
CA GLY A 302 -20.85 27.56 35.45
C GLY A 302 -21.24 26.17 35.92
N ALA A 303 -21.48 25.25 34.99
CA ALA A 303 -21.88 23.89 35.34
C ALA A 303 -20.83 23.15 36.15
N LYS A 304 -21.29 22.32 37.09
CA LYS A 304 -20.41 21.51 37.94
C LYS A 304 -20.11 20.18 37.25
N GLY A 305 -21.06 19.72 36.45
CA GLY A 305 -20.94 18.48 35.71
C GLY A 305 -21.64 18.68 34.39
N ILE A 306 -21.25 17.91 33.36
CA ILE A 306 -21.86 18.08 32.04
C ILE A 306 -22.24 16.77 31.38
N ILE A 307 -23.43 16.74 30.78
CA ILE A 307 -23.92 15.55 30.08
C ILE A 307 -24.35 15.96 28.68
N VAL A 308 -23.62 15.47 27.68
CA VAL A 308 -23.91 15.78 26.29
C VAL A 308 -24.64 14.60 25.67
N TYR A 309 -25.79 14.86 25.03
CA TYR A 309 -26.52 13.77 24.38
C TYR A 309 -26.56 13.97 22.87
N SER A 310 -26.62 12.85 22.16
CA SER A 310 -26.61 12.86 20.70
C SER A 310 -27.74 13.64 20.05
N ASN A 311 -27.44 14.23 18.89
CA ASN A 311 -28.43 14.98 18.14
C ASN A 311 -29.12 14.03 17.16
N SER A 312 -30.10 14.53 16.43
CA SER A 312 -30.84 13.70 15.48
C SER A 312 -30.01 13.20 14.30
N ALA A 313 -28.93 13.91 13.99
CA ALA A 313 -28.06 13.52 12.89
C ALA A 313 -27.39 12.18 13.17
N LEU A 314 -26.87 12.03 14.39
CA LEU A 314 -26.22 10.79 14.81
C LEU A 314 -26.71 10.48 16.21
N PRO A 315 -27.94 9.95 16.33
CA PRO A 315 -28.58 9.60 17.59
C PRO A 315 -27.94 8.48 18.41
N GLY A 316 -27.08 7.70 17.77
CA GLY A 316 -26.43 6.61 18.48
C GLY A 316 -25.44 7.08 19.53
N LEU A 317 -24.91 6.15 20.32
CA LEU A 317 -23.95 6.49 21.35
C LEU A 317 -22.62 6.87 20.72
N GLN A 318 -22.15 8.09 21.00
CA GLN A 318 -20.88 8.55 20.45
C GLN A 318 -19.78 8.71 21.52
N ASN A 319 -18.54 8.40 21.13
CA ASN A 319 -17.38 8.50 21.99
C ASN A 319 -16.39 9.39 21.22
N PRO A 320 -16.72 10.67 21.07
CA PRO A 320 -15.88 11.62 20.34
C PRO A 320 -14.70 12.21 21.11
N PHE A 321 -13.79 12.82 20.36
CA PHE A 321 -12.65 13.46 20.98
C PHE A 321 -13.09 14.83 21.48
N LEU A 322 -12.82 15.11 22.75
CA LEU A 322 -13.16 16.41 23.32
C LEU A 322 -11.90 17.23 23.23
N VAL A 323 -11.71 17.88 22.09
CA VAL A 323 -10.52 18.70 21.88
C VAL A 323 -10.72 20.00 22.65
N ASP A 324 -9.95 20.16 23.73
CA ASP A 324 -10.04 21.32 24.61
C ASP A 324 -8.79 22.18 24.48
N ALA A 325 -8.77 23.01 23.43
CA ALA A 325 -7.64 23.89 23.15
C ALA A 325 -7.20 24.76 24.33
N ASN A 326 -8.15 25.34 25.05
CA ASN A 326 -7.83 26.21 26.16
C ASN A 326 -7.95 25.53 27.52
N SER A 327 -8.14 24.22 27.51
CA SER A 327 -8.27 23.45 28.76
C SER A 327 -9.36 24.04 29.64
N ASP A 328 -10.49 24.37 29.02
CA ASP A 328 -11.62 24.96 29.72
C ASP A 328 -12.48 23.95 30.50
N ILE A 329 -12.60 22.73 29.98
CA ILE A 329 -13.40 21.72 30.64
C ILE A 329 -12.64 21.04 31.78
N THR A 330 -12.74 21.63 32.96
CA THR A 330 -12.06 21.12 34.14
C THR A 330 -13.01 20.36 35.07
N VAL A 331 -14.22 20.13 34.59
CA VAL A 331 -15.23 19.41 35.35
C VAL A 331 -15.54 18.10 34.62
N PRO A 332 -16.15 17.14 35.33
CA PRO A 332 -16.49 15.86 34.69
C PRO A 332 -17.60 16.01 33.65
N SER A 333 -17.33 15.54 32.44
CA SER A 333 -18.31 15.61 31.36
C SER A 333 -18.42 14.23 30.70
N VAL A 334 -19.63 13.88 30.27
CA VAL A 334 -19.88 12.59 29.65
C VAL A 334 -20.76 12.69 28.42
N SER A 335 -20.84 11.60 27.67
CA SER A 335 -21.63 11.52 26.45
C SER A 335 -22.61 10.36 26.53
N VAL A 336 -23.87 10.62 26.14
CA VAL A 336 -24.91 9.58 26.14
C VAL A 336 -25.66 9.67 24.81
N ASP A 337 -26.36 8.60 24.45
CA ASP A 337 -27.09 8.60 23.19
C ASP A 337 -28.34 9.47 23.28
N ARG A 338 -28.96 9.73 22.14
CA ARG A 338 -30.14 10.60 22.11
C ARG A 338 -31.30 10.11 22.99
N ALA A 339 -31.60 8.82 22.94
CA ALA A 339 -32.69 8.27 23.73
C ALA A 339 -32.48 8.54 25.22
N THR A 340 -31.24 8.38 25.67
CA THR A 340 -30.92 8.62 27.06
C THR A 340 -31.01 10.10 27.40
N GLY A 341 -30.58 10.94 26.46
CA GLY A 341 -30.64 12.37 26.68
C GLY A 341 -32.06 12.86 26.81
N LEU A 342 -32.97 12.30 26.03
CA LEU A 342 -34.37 12.68 26.07
C LEU A 342 -35.03 12.19 27.35
N ALA A 343 -34.58 11.04 27.84
CA ALA A 343 -35.13 10.47 29.06
C ALA A 343 -34.74 11.37 30.23
N LEU A 344 -33.51 11.86 30.21
CA LEU A 344 -33.00 12.74 31.26
C LEU A 344 -33.79 14.05 31.33
N LYS A 345 -34.43 14.42 30.23
CA LYS A 345 -35.23 15.65 30.19
C LYS A 345 -36.35 15.60 31.22
N ALA A 346 -36.89 14.40 31.43
CA ALA A 346 -37.99 14.22 32.38
C ALA A 346 -37.52 14.29 33.82
N LYS A 347 -36.20 14.26 34.02
CA LYS A 347 -35.63 14.31 35.36
C LYS A 347 -35.04 15.67 35.70
N LEU A 348 -35.30 16.67 34.86
CA LEU A 348 -34.77 18.00 35.09
C LEU A 348 -35.17 18.53 36.46
N GLY A 349 -34.20 19.12 37.16
CA GLY A 349 -34.46 19.67 38.48
C GLY A 349 -34.08 18.73 39.60
N GLN A 350 -33.94 17.44 39.29
CA GLN A 350 -33.58 16.46 40.30
C GLN A 350 -32.09 16.36 40.53
N SER A 351 -31.71 16.02 41.76
CA SER A 351 -30.31 15.88 42.14
C SER A 351 -29.66 14.81 41.28
N THR A 352 -28.58 15.18 40.59
CA THR A 352 -27.89 14.24 39.72
C THR A 352 -26.39 14.22 39.98
N THR A 353 -25.82 13.02 39.94
CA THR A 353 -24.38 12.88 40.15
C THR A 353 -23.75 12.32 38.88
N VAL A 354 -22.82 13.09 38.31
CA VAL A 354 -22.11 12.68 37.10
C VAL A 354 -20.69 12.36 37.53
N SER A 355 -20.13 11.26 37.04
CA SER A 355 -18.79 10.91 37.45
C SER A 355 -17.98 10.15 36.41
N ASN A 356 -16.69 10.49 36.35
CA ASN A 356 -15.74 9.83 35.47
C ASN A 356 -14.74 9.19 36.43
N GLN A 357 -14.42 7.93 36.21
CA GLN A 357 -13.48 7.24 37.09
C GLN A 357 -12.36 6.57 36.31
N GLY A 358 -11.14 6.77 36.77
CA GLY A 358 -9.98 6.17 36.12
C GLY A 358 -9.60 4.90 36.85
N ASN A 359 -8.49 4.30 36.46
CA ASN A 359 -7.99 3.08 37.09
C ASN A 359 -9.01 1.94 37.03
N GLN A 360 -9.79 1.88 35.96
CA GLN A 360 -10.80 0.84 35.80
C GLN A 360 -10.26 -0.34 34.99
N ASP A 361 -11.06 -1.41 34.92
CA ASP A 361 -10.66 -2.60 34.18
C ASP A 361 -11.45 -2.79 32.89
N TYR A 362 -12.19 -1.75 32.52
CA TYR A 362 -13.00 -1.76 31.29
C TYR A 362 -12.92 -0.37 30.70
N GLU A 363 -13.23 -0.24 29.41
CA GLU A 363 -13.18 1.07 28.77
C GLU A 363 -13.93 1.06 27.45
N TYR A 364 -14.37 2.23 27.03
CA TYR A 364 -15.07 2.39 25.75
C TYR A 364 -14.02 2.72 24.69
N TYR A 365 -14.04 1.98 23.58
CA TYR A 365 -13.14 2.17 22.46
C TYR A 365 -13.95 2.34 21.18
N ASN A 366 -13.34 2.98 20.18
CA ASN A 366 -13.94 3.15 18.86
C ASN A 366 -12.98 2.51 17.88
N GLY A 367 -13.50 1.96 16.80
CA GLY A 367 -12.62 1.38 15.80
C GLY A 367 -13.16 0.20 15.02
N THR A 368 -12.63 0.01 13.81
CA THR A 368 -13.03 -1.15 13.02
C THR A 368 -12.45 -2.36 13.74
N SER A 369 -11.51 -2.13 14.65
CA SER A 369 -10.90 -3.21 15.44
C SER A 369 -11.88 -3.74 16.44
N MET A 370 -12.88 -2.93 16.79
CA MET A 370 -13.90 -3.31 17.75
C MET A 370 -15.02 -4.04 17.01
N ALA A 371 -15.28 -3.62 15.78
CA ALA A 371 -16.32 -4.27 14.98
C ALA A 371 -15.89 -5.68 14.60
N THR A 372 -14.61 -5.82 14.25
CA THR A 372 -14.06 -7.09 13.83
C THR A 372 -14.32 -8.27 14.78
N PRO A 373 -14.04 -8.12 16.09
CA PRO A 373 -14.30 -9.23 17.00
C PRO A 373 -15.78 -9.58 17.15
N HIS A 374 -16.67 -8.63 16.87
CA HIS A 374 -18.09 -8.92 16.94
C HIS A 374 -18.37 -9.89 15.80
N VAL A 375 -17.78 -9.60 14.65
CA VAL A 375 -17.96 -10.44 13.47
C VAL A 375 -17.29 -11.80 13.60
N SER A 376 -16.03 -11.84 14.04
CA SER A 376 -15.33 -13.11 14.18
C SER A 376 -15.90 -13.91 15.36
N GLY A 377 -16.36 -13.20 16.38
CA GLY A 377 -16.94 -13.88 17.53
C GLY A 377 -18.23 -14.57 17.12
N VAL A 378 -19.08 -13.83 16.40
CA VAL A 378 -20.33 -14.38 15.91
C VAL A 378 -20.07 -15.51 14.91
N ALA A 379 -19.07 -15.31 14.05
CA ALA A 379 -18.74 -16.33 13.06
C ALA A 379 -18.44 -17.65 13.76
N THR A 380 -17.65 -17.58 14.82
CA THR A 380 -17.26 -18.77 15.59
C THR A 380 -18.47 -19.39 16.29
N LEU A 381 -19.30 -18.55 16.89
CA LEU A 381 -20.50 -19.01 17.59
C LEU A 381 -21.44 -19.74 16.63
N VAL A 382 -21.75 -19.10 15.51
CA VAL A 382 -22.64 -19.70 14.53
C VAL A 382 -22.04 -20.99 13.97
N TRP A 383 -20.74 -20.98 13.71
CA TRP A 383 -20.06 -22.14 13.17
C TRP A 383 -20.12 -23.33 14.12
N SER A 384 -20.17 -23.07 15.43
CA SER A 384 -20.21 -24.15 16.41
C SER A 384 -21.48 -25.00 16.29
N TYR A 385 -22.53 -24.43 15.71
CA TYR A 385 -23.78 -25.17 15.53
C TYR A 385 -23.67 -26.09 14.32
N HIS A 386 -22.75 -25.77 13.41
CA HIS A 386 -22.56 -26.55 12.20
C HIS A 386 -21.08 -26.62 11.83
N PRO A 387 -20.25 -27.30 12.64
CA PRO A 387 -18.82 -27.43 12.40
C PRO A 387 -18.42 -28.13 11.10
N GLU A 388 -19.36 -28.86 10.52
CA GLU A 388 -19.07 -29.58 9.28
C GLU A 388 -18.98 -28.65 8.07
N CYS A 389 -19.60 -27.48 8.17
CA CYS A 389 -19.56 -26.53 7.06
C CYS A 389 -18.17 -25.93 6.93
N SER A 390 -17.81 -25.54 5.72
CA SER A 390 -16.48 -24.97 5.47
C SER A 390 -16.46 -23.49 5.79
N ALA A 391 -15.24 -22.94 5.89
CA ALA A 391 -15.07 -21.52 6.19
C ALA A 391 -15.75 -20.66 5.11
N SER A 392 -15.61 -21.07 3.85
CA SER A 392 -16.21 -20.32 2.76
C SER A 392 -17.74 -20.33 2.87
N GLN A 393 -18.29 -21.45 3.33
CA GLN A 393 -19.73 -21.59 3.48
C GLN A 393 -20.23 -20.73 4.64
N VAL A 394 -19.46 -20.68 5.71
CA VAL A 394 -19.84 -19.86 6.87
C VAL A 394 -19.78 -18.40 6.47
N ARG A 395 -18.72 -18.02 5.76
CA ARG A 395 -18.55 -16.65 5.30
C ARG A 395 -19.76 -16.24 4.45
N ALA A 396 -20.15 -17.12 3.54
CA ALA A 396 -21.29 -16.84 2.67
C ALA A 396 -22.58 -16.68 3.48
N ALA A 397 -22.75 -17.52 4.49
CA ALA A 397 -23.93 -17.46 5.34
C ALA A 397 -24.04 -16.11 6.05
N LEU A 398 -22.91 -15.61 6.56
CA LEU A 398 -22.89 -14.34 7.26
C LEU A 398 -23.30 -13.20 6.32
N ASN A 399 -22.77 -13.22 5.10
CA ASN A 399 -23.07 -12.20 4.11
C ASN A 399 -24.52 -12.25 3.65
N ALA A 400 -25.01 -13.47 3.41
CA ALA A 400 -26.38 -13.67 2.95
C ALA A 400 -27.46 -13.30 3.96
N THR A 401 -27.11 -13.33 5.25
CA THR A 401 -28.08 -13.03 6.30
C THR A 401 -27.87 -11.69 7.01
N ALA A 402 -26.85 -10.94 6.62
CA ALA A 402 -26.58 -9.65 7.23
C ALA A 402 -27.74 -8.70 6.96
N ASP A 403 -28.00 -7.79 7.90
CA ASP A 403 -29.08 -6.83 7.73
C ASP A 403 -28.61 -5.63 6.92
N ASP A 404 -29.13 -5.52 5.70
CA ASP A 404 -28.77 -4.43 4.78
C ASP A 404 -28.85 -3.06 5.44
N LEU A 405 -27.76 -2.29 5.35
CA LEU A 405 -27.71 -0.96 5.93
C LEU A 405 -27.49 0.09 4.84
N SER A 406 -27.55 1.36 5.23
CA SER A 406 -27.34 2.46 4.29
C SER A 406 -28.20 2.27 3.05
N VAL A 407 -27.68 2.63 1.89
CA VAL A 407 -28.40 2.49 0.63
C VAL A 407 -28.68 1.01 0.35
N ALA A 408 -29.76 0.73 -0.37
CA ALA A 408 -30.12 -0.64 -0.69
C ALA A 408 -28.98 -1.41 -1.37
N GLY A 409 -28.81 -2.66 -0.98
CA GLY A 409 -27.76 -3.50 -1.55
C GLY A 409 -26.40 -3.26 -0.94
N ARG A 410 -25.43 -4.08 -1.35
CA ARG A 410 -24.07 -3.94 -0.84
C ARG A 410 -23.49 -2.59 -1.22
N ASP A 411 -22.85 -1.94 -0.26
CA ASP A 411 -22.22 -0.64 -0.49
C ASP A 411 -20.83 -0.66 0.12
N ASN A 412 -19.99 0.29 -0.26
CA ASN A 412 -18.61 0.34 0.23
C ASN A 412 -18.48 0.74 1.69
N GLN A 413 -19.51 1.37 2.25
CA GLN A 413 -19.45 1.80 3.64
C GLN A 413 -19.78 0.69 4.63
N THR A 414 -20.83 -0.08 4.35
CA THR A 414 -21.28 -1.13 5.25
C THR A 414 -21.30 -2.56 4.71
N GLY A 415 -20.82 -2.73 3.48
CA GLY A 415 -20.81 -4.07 2.90
C GLY A 415 -22.23 -4.59 2.78
N TYR A 416 -22.44 -5.85 3.13
CA TYR A 416 -23.77 -6.45 3.06
C TYR A 416 -24.66 -6.00 4.21
N GLY A 417 -24.07 -5.32 5.20
CA GLY A 417 -24.85 -4.85 6.32
C GLY A 417 -24.38 -5.34 7.68
N MET A 418 -25.26 -5.21 8.66
CA MET A 418 -24.97 -5.62 10.03
C MET A 418 -25.03 -7.14 10.21
N ILE A 419 -23.98 -7.71 10.78
CA ILE A 419 -23.96 -9.15 11.00
C ILE A 419 -25.14 -9.55 11.87
N ASN A 420 -25.72 -10.71 11.58
CA ASN A 420 -26.88 -11.21 12.31
C ASN A 420 -26.67 -12.68 12.66
N ALA A 421 -26.32 -12.94 13.91
CA ALA A 421 -26.05 -14.29 14.38
C ALA A 421 -27.24 -15.23 14.22
N VAL A 422 -28.41 -14.81 14.68
CA VAL A 422 -29.62 -15.62 14.61
C VAL A 422 -29.95 -16.02 13.18
N ALA A 423 -29.96 -15.04 12.27
CA ALA A 423 -30.27 -15.28 10.87
C ALA A 423 -29.24 -16.20 10.21
N ALA A 424 -27.96 -15.98 10.52
CA ALA A 424 -26.90 -16.79 9.95
C ALA A 424 -27.06 -18.25 10.38
N LYS A 425 -27.39 -18.44 11.66
CA LYS A 425 -27.58 -19.78 12.21
C LYS A 425 -28.75 -20.47 11.52
N ALA A 426 -29.86 -19.76 11.40
CA ALA A 426 -31.06 -20.31 10.74
C ALA A 426 -30.73 -20.73 9.31
N TYR A 427 -29.86 -19.95 8.69
CA TYR A 427 -29.42 -20.20 7.31
C TYR A 427 -28.72 -21.56 7.23
N LEU A 428 -27.72 -21.75 8.08
CA LEU A 428 -26.97 -22.99 8.11
C LEU A 428 -27.81 -24.15 8.64
N ASP A 429 -28.88 -23.82 9.35
CA ASP A 429 -29.77 -24.84 9.89
C ASP A 429 -30.39 -25.63 8.75
N GLU A 430 -30.63 -24.96 7.62
CA GLU A 430 -31.21 -25.60 6.45
C GLU A 430 -30.16 -26.49 5.80
N SER A 431 -28.95 -25.95 5.64
CA SER A 431 -27.83 -26.67 5.05
C SER A 431 -26.63 -25.75 5.02
N CYS A 432 -25.46 -26.29 4.73
CA CYS A 432 -24.25 -25.49 4.66
C CYS A 432 -24.29 -24.44 3.57
N THR A 433 -25.28 -24.54 2.68
CA THR A 433 -25.43 -23.60 1.59
C THR A 433 -26.74 -22.82 1.70
N GLY A 434 -27.40 -22.96 2.85
CA GLY A 434 -28.65 -22.26 3.06
C GLY A 434 -29.86 -23.02 2.52
N PRO A 435 -31.05 -22.40 2.53
CA PRO A 435 -32.27 -23.04 2.04
C PRO A 435 -32.23 -23.30 0.53
N ALA B 1 26.93 10.99 -35.46
CA ALA B 1 26.25 9.72 -35.78
C ALA B 1 25.10 9.47 -34.81
N GLU B 2 24.17 8.61 -35.21
CA GLU B 2 23.01 8.30 -34.39
C GLU B 2 23.05 6.83 -33.99
N THR B 3 22.73 6.57 -32.72
CA THR B 3 22.75 5.21 -32.20
C THR B 3 21.34 4.68 -31.94
N THR B 4 21.14 3.41 -32.25
CA THR B 4 19.85 2.76 -32.03
C THR B 4 20.03 1.82 -30.84
N PRO B 5 19.53 2.21 -29.65
CA PRO B 5 19.67 1.35 -28.48
C PRO B 5 19.07 -0.03 -28.72
N TRP B 6 19.66 -1.06 -28.11
CA TRP B 6 19.20 -2.43 -28.31
C TRP B 6 17.70 -2.64 -28.11
N GLY B 7 17.13 -1.96 -27.12
CA GLY B 7 15.71 -2.10 -26.85
C GLY B 7 14.82 -1.79 -28.04
N GLN B 8 15.18 -0.77 -28.81
CA GLN B 8 14.40 -0.38 -29.98
C GLN B 8 14.36 -1.50 -30.99
N THR B 9 15.50 -2.13 -31.22
CA THR B 9 15.60 -3.24 -32.15
C THR B 9 14.83 -4.46 -31.64
N PHE B 10 15.04 -4.79 -30.37
CA PHE B 10 14.39 -5.96 -29.79
C PHE B 10 12.87 -5.97 -29.76
N VAL B 11 12.24 -4.81 -29.58
CA VAL B 11 10.78 -4.78 -29.53
C VAL B 11 10.15 -4.66 -30.91
N GLY B 12 10.98 -4.51 -31.94
CA GLY B 12 10.47 -4.40 -33.30
C GLY B 12 10.16 -3.00 -33.79
N ALA B 13 10.55 -2.00 -33.00
CA ALA B 13 10.28 -0.61 -33.37
C ALA B 13 11.05 -0.16 -34.59
N THR B 14 12.17 -0.81 -34.88
CA THR B 14 12.98 -0.42 -36.01
C THR B 14 12.52 -0.99 -37.36
N VAL B 15 11.51 -1.85 -37.34
CA VAL B 15 11.01 -2.43 -38.57
C VAL B 15 9.52 -2.15 -38.81
N LEU B 16 8.92 -1.37 -37.92
CA LEU B 16 7.51 -1.01 -38.05
C LEU B 16 7.42 0.52 -38.07
N SER B 17 6.99 1.06 -39.21
CA SER B 17 6.87 2.50 -39.43
C SER B 17 5.86 3.23 -38.55
N ASP B 18 6.25 4.43 -38.10
CA ASP B 18 5.39 5.26 -37.26
C ASP B 18 4.68 6.34 -38.09
N SER B 19 4.58 6.11 -39.39
CA SER B 19 3.96 7.08 -40.30
C SER B 19 2.50 7.43 -39.97
N GLN B 20 1.82 6.54 -39.26
CA GLN B 20 0.41 6.75 -38.90
C GLN B 20 0.24 7.23 -37.46
N ALA B 21 1.34 7.32 -36.72
CA ALA B 21 1.28 7.69 -35.31
C ALA B 21 0.61 9.04 -35.01
N GLY B 22 0.42 9.85 -36.03
CA GLY B 22 -0.22 11.14 -35.83
C GLY B 22 -1.67 11.00 -35.37
N ASN B 23 -2.25 9.81 -35.53
CA ASN B 23 -3.63 9.62 -35.10
C ASN B 23 -3.73 9.16 -33.65
N ARG B 24 -2.58 9.05 -33.00
CA ARG B 24 -2.51 8.62 -31.60
C ARG B 24 -1.89 9.71 -30.73
N THR B 25 -2.22 9.68 -29.44
CA THR B 25 -1.65 10.60 -28.46
C THR B 25 -1.27 9.80 -27.24
N ILE B 26 0.00 9.90 -26.83
CA ILE B 26 0.46 9.20 -25.64
C ILE B 26 0.84 10.26 -24.62
N CYS B 27 0.35 10.09 -23.39
CA CYS B 27 0.64 11.04 -22.32
C CYS B 27 1.62 10.43 -21.34
N ILE B 28 2.67 11.17 -21.05
CA ILE B 28 3.70 10.71 -20.12
C ILE B 28 3.58 11.44 -18.79
N ILE B 29 3.20 10.69 -17.75
CA ILE B 29 3.10 11.25 -16.39
C ILE B 29 4.45 10.91 -15.77
N ASP B 30 5.29 11.92 -15.62
CA ASP B 30 6.63 11.68 -15.11
C ASP B 30 7.26 12.96 -14.53
N SER B 31 8.58 13.09 -14.68
CA SER B 31 9.26 14.26 -14.12
C SER B 31 9.55 15.38 -15.11
N GLY B 32 8.75 15.49 -16.16
CA GLY B 32 8.99 16.56 -17.12
C GLY B 32 9.67 16.08 -18.38
N TYR B 33 9.79 17.01 -19.33
CA TYR B 33 10.35 16.74 -20.64
C TYR B 33 11.29 17.88 -21.03
N ASP B 34 12.58 17.60 -21.19
CA ASP B 34 13.52 18.66 -21.58
C ASP B 34 13.34 18.96 -23.06
N ARG B 35 12.44 19.89 -23.35
CA ARG B 35 12.14 20.28 -24.72
C ARG B 35 13.30 20.96 -25.45
N SER B 36 14.35 21.32 -24.72
CA SER B 36 15.49 21.97 -25.36
C SER B 36 16.45 20.94 -25.96
N HIS B 37 16.22 19.67 -25.63
CA HIS B 37 17.07 18.59 -26.14
C HIS B 37 16.88 18.41 -27.65
N ASN B 38 17.97 18.29 -28.38
CA ASN B 38 17.93 18.11 -29.83
C ASN B 38 17.11 16.91 -30.30
N ASP B 39 17.02 15.87 -29.47
CA ASP B 39 16.24 14.69 -29.85
C ASP B 39 14.78 14.76 -29.43
N LEU B 40 14.40 15.85 -28.77
CA LEU B 40 13.02 16.00 -28.29
C LEU B 40 12.33 17.31 -28.68
N ASN B 41 13.11 18.32 -29.00
CA ASN B 41 12.58 19.63 -29.35
C ASN B 41 11.51 19.69 -30.43
N ALA B 42 11.72 18.98 -31.53
CA ALA B 42 10.80 19.01 -32.65
C ALA B 42 9.67 17.99 -32.70
N ASN B 43 9.33 17.39 -31.56
CA ASN B 43 8.22 16.45 -31.55
C ASN B 43 6.91 17.21 -31.47
N ASN B 44 5.81 16.53 -31.77
CA ASN B 44 4.49 17.13 -31.67
C ASN B 44 4.16 16.94 -30.21
N VAL B 45 4.73 17.79 -29.37
CA VAL B 45 4.56 17.68 -27.94
C VAL B 45 3.91 18.91 -27.30
N THR B 46 3.05 18.63 -26.33
CA THR B 46 2.34 19.65 -25.56
C THR B 46 2.32 19.17 -24.13
N GLY B 47 1.84 20.02 -23.23
CA GLY B 47 1.78 19.63 -21.83
C GLY B 47 0.85 20.52 -21.04
N THR B 48 0.48 20.08 -19.85
CA THR B 48 -0.41 20.87 -19.00
C THR B 48 0.30 21.14 -17.68
N ASN B 49 0.66 22.41 -17.47
CA ASN B 49 1.35 22.77 -16.23
C ASN B 49 0.52 22.58 -14.99
N ASN B 50 1.22 22.40 -13.87
CA ASN B 50 0.60 22.25 -12.57
C ASN B 50 1.31 23.21 -11.62
N SER B 51 0.55 23.83 -10.75
CA SER B 51 1.08 24.82 -9.81
C SER B 51 2.28 24.36 -8.96
N GLY B 52 2.38 23.06 -8.72
CA GLY B 52 3.48 22.58 -7.90
C GLY B 52 4.73 22.11 -8.62
N THR B 53 4.71 22.07 -9.94
CA THR B 53 5.88 21.59 -10.67
C THR B 53 6.42 22.46 -11.80
N GLY B 54 6.18 23.76 -11.74
CA GLY B 54 6.69 24.66 -12.75
C GLY B 54 6.25 24.36 -14.17
N ASN B 55 7.18 24.45 -15.12
CA ASN B 55 6.87 24.18 -16.51
C ASN B 55 7.18 22.74 -16.88
N TRP B 56 6.23 22.09 -17.54
CA TRP B 56 6.39 20.70 -17.93
C TRP B 56 7.59 20.51 -18.85
N TYR B 57 7.93 21.54 -19.60
CA TYR B 57 9.04 21.48 -20.55
C TYR B 57 10.41 21.84 -19.97
N GLN B 58 10.46 22.04 -18.66
CA GLN B 58 11.70 22.37 -17.96
C GLN B 58 11.77 21.47 -16.74
N PRO B 59 12.42 20.31 -16.86
CA PRO B 59 12.52 19.39 -15.72
C PRO B 59 13.23 19.95 -14.50
N GLY B 60 14.13 20.91 -14.71
CA GLY B 60 14.87 21.47 -13.60
C GLY B 60 16.17 20.70 -13.48
N ASN B 61 16.78 20.72 -12.30
CA ASN B 61 18.05 20.02 -12.10
C ASN B 61 17.90 18.64 -11.47
N ASN B 62 18.71 17.69 -11.94
CA ASN B 62 18.69 16.33 -11.41
C ASN B 62 17.29 15.76 -11.36
N ASN B 63 16.55 15.96 -12.44
CA ASN B 63 15.17 15.48 -12.53
C ASN B 63 14.94 15.06 -13.98
N ALA B 64 15.90 14.30 -14.51
CA ALA B 64 15.89 13.84 -15.90
C ALA B 64 15.12 12.57 -16.24
N HIS B 65 14.56 11.90 -15.24
CA HIS B 65 13.84 10.66 -15.46
C HIS B 65 12.79 10.71 -16.58
N GLY B 66 11.93 11.73 -16.54
CA GLY B 66 10.89 11.86 -17.55
C GLY B 66 11.43 12.07 -18.94
N THR B 67 12.61 12.69 -19.03
CA THR B 67 13.24 12.94 -20.31
C THR B 67 13.82 11.65 -20.89
N HIS B 68 14.29 10.78 -20.00
CA HIS B 68 14.84 9.49 -20.41
C HIS B 68 13.67 8.66 -20.94
N VAL B 69 12.58 8.65 -20.18
CA VAL B 69 11.38 7.92 -20.56
C VAL B 69 10.86 8.43 -21.91
N ALA B 70 10.77 9.74 -22.06
CA ALA B 70 10.28 10.32 -23.31
C ALA B 70 11.17 9.97 -24.50
N GLY B 71 12.48 9.93 -24.29
CA GLY B 71 13.41 9.60 -25.35
C GLY B 71 13.22 8.18 -25.86
N THR B 72 12.87 7.28 -24.95
CA THR B 72 12.65 5.89 -25.33
C THR B 72 11.41 5.81 -26.22
N ILE B 73 10.44 6.67 -25.95
CA ILE B 73 9.22 6.69 -26.73
C ILE B 73 9.34 7.42 -28.07
N ALA B 74 10.01 8.56 -28.07
CA ALA B 74 10.10 9.33 -29.30
C ALA B 74 11.35 10.16 -29.57
N ALA B 75 12.53 9.67 -29.18
CA ALA B 75 13.75 10.40 -29.50
C ALA B 75 13.72 10.47 -31.03
N ILE B 76 13.96 11.66 -31.57
CA ILE B 76 13.89 11.90 -33.01
C ILE B 76 15.06 11.42 -33.88
N ALA B 77 14.70 10.88 -35.05
CA ALA B 77 15.68 10.41 -36.01
C ALA B 77 16.20 11.68 -36.69
N ASN B 78 17.46 12.02 -36.43
CA ASN B 78 18.04 13.24 -36.99
C ASN B 78 19.56 13.15 -37.11
N ASN B 79 20.05 11.94 -37.33
CA ASN B 79 21.49 11.70 -37.50
C ASN B 79 22.34 12.11 -36.30
N GLU B 80 21.73 12.13 -35.13
CA GLU B 80 22.46 12.50 -33.92
C GLU B 80 21.78 11.87 -32.70
N GLY B 81 22.54 11.67 -31.63
CA GLY B 81 21.96 11.09 -30.42
C GLY B 81 21.41 9.69 -30.63
N VAL B 82 20.14 9.51 -30.24
CA VAL B 82 19.50 8.21 -30.38
C VAL B 82 18.15 8.33 -31.10
N VAL B 83 17.39 7.23 -31.10
CA VAL B 83 16.06 7.18 -31.70
C VAL B 83 15.15 6.42 -30.76
N GLY B 84 13.88 6.82 -30.72
CA GLY B 84 12.90 6.17 -29.87
C GLY B 84 11.99 5.25 -30.67
N VAL B 85 10.96 4.73 -30.02
CA VAL B 85 10.03 3.81 -30.68
C VAL B 85 9.37 4.43 -31.92
N MET B 86 8.99 5.70 -31.81
CA MET B 86 8.36 6.44 -32.91
C MET B 86 9.24 7.68 -33.04
N PRO B 87 10.30 7.58 -33.87
CA PRO B 87 11.27 8.63 -34.12
C PRO B 87 11.09 9.62 -35.26
N ASN B 88 10.01 9.52 -36.02
CA ASN B 88 9.84 10.41 -37.16
C ASN B 88 8.95 11.63 -37.02
N GLN B 89 8.78 12.11 -35.79
CA GLN B 89 7.99 13.31 -35.53
C GLN B 89 6.54 13.23 -35.98
N ASN B 90 5.91 12.08 -35.75
CA ASN B 90 4.51 11.89 -36.11
C ASN B 90 3.61 11.77 -34.90
N ALA B 91 4.02 10.96 -33.92
CA ALA B 91 3.23 10.76 -32.72
C ALA B 91 2.97 12.05 -31.94
N ASN B 92 1.79 12.13 -31.33
CA ASN B 92 1.45 13.28 -30.50
C ASN B 92 1.77 12.87 -29.09
N ILE B 93 2.47 13.75 -28.37
CA ILE B 93 2.88 13.48 -27.00
C ILE B 93 2.38 14.57 -26.06
N HIS B 94 1.79 14.18 -24.93
CA HIS B 94 1.34 15.16 -23.95
C HIS B 94 2.09 14.87 -22.66
N ILE B 95 2.61 15.92 -22.04
CA ILE B 95 3.40 15.78 -20.82
C ILE B 95 2.70 16.33 -19.57
N VAL B 96 2.71 15.53 -18.51
CA VAL B 96 2.16 15.95 -17.22
C VAL B 96 3.30 15.68 -16.24
N LYS B 97 3.86 16.76 -15.71
CA LYS B 97 4.98 16.67 -14.78
C LYS B 97 4.51 16.59 -13.33
N VAL B 98 4.63 15.41 -12.73
CA VAL B 98 4.20 15.24 -11.35
C VAL B 98 5.37 15.20 -10.37
N PHE B 99 6.58 15.01 -10.87
CA PHE B 99 7.76 14.97 -10.02
C PHE B 99 8.71 16.14 -10.22
N ASN B 100 9.24 16.64 -9.11
CA ASN B 100 10.24 17.70 -9.11
C ASN B 100 11.50 16.99 -8.65
N GLU B 101 12.61 17.71 -8.62
CA GLU B 101 13.88 17.14 -8.18
C GLU B 101 13.72 16.51 -6.80
N ALA B 102 13.01 17.20 -5.92
CA ALA B 102 12.80 16.74 -4.54
C ALA B 102 11.85 15.55 -4.38
N GLY B 103 11.02 15.28 -5.39
CA GLY B 103 10.09 14.18 -5.30
C GLY B 103 8.73 14.59 -5.84
N TRP B 104 7.68 13.87 -5.46
CA TRP B 104 6.33 14.19 -5.93
C TRP B 104 6.00 15.63 -5.56
N GLY B 105 5.73 16.46 -6.56
CA GLY B 105 5.41 17.86 -6.30
C GLY B 105 4.07 18.30 -6.87
N TYR B 106 3.39 17.38 -7.53
CA TYR B 106 2.07 17.68 -8.12
C TYR B 106 1.14 18.18 -7.01
N SER B 107 0.36 19.21 -7.32
CA SER B 107 -0.56 19.77 -6.33
C SER B 107 -1.72 18.82 -6.05
N SER B 108 -1.94 17.88 -6.96
CA SER B 108 -3.03 16.94 -6.80
C SER B 108 -2.59 15.48 -6.85
N SER B 109 -3.56 14.59 -7.05
CA SER B 109 -3.34 13.15 -7.09
C SER B 109 -2.99 12.56 -8.44
N LEU B 110 -2.68 11.27 -8.44
CA LEU B 110 -2.35 10.57 -9.67
C LEU B 110 -3.59 10.56 -10.56
N VAL B 111 -4.76 10.34 -9.94
CA VAL B 111 -6.00 10.32 -10.68
C VAL B 111 -6.18 11.66 -11.41
N ALA B 112 -5.87 12.75 -10.72
CA ALA B 112 -5.98 14.07 -11.32
C ALA B 112 -5.03 14.20 -12.51
N ALA B 113 -3.84 13.61 -12.39
CA ALA B 113 -2.86 13.66 -13.46
C ALA B 113 -3.37 12.88 -14.68
N ILE B 114 -3.98 11.72 -14.44
CA ILE B 114 -4.51 10.92 -15.53
C ILE B 114 -5.70 11.65 -16.15
N ASP B 115 -6.52 12.29 -15.32
CA ASP B 115 -7.66 13.06 -15.83
C ASP B 115 -7.15 14.13 -16.78
N THR B 116 -6.08 14.81 -16.38
CA THR B 116 -5.50 15.87 -17.21
C THR B 116 -5.02 15.28 -18.54
N CYS B 117 -4.36 14.15 -18.48
CA CYS B 117 -3.89 13.49 -19.69
C CYS B 117 -5.03 13.30 -20.69
N VAL B 118 -6.16 12.80 -20.19
CA VAL B 118 -7.31 12.54 -21.03
C VAL B 118 -8.08 13.80 -21.45
N ASN B 119 -8.46 14.60 -20.47
CA ASN B 119 -9.23 15.82 -20.73
C ASN B 119 -8.47 16.92 -21.45
N SER B 120 -7.25 17.21 -21.02
CA SER B 120 -6.46 18.27 -21.63
C SER B 120 -5.55 17.78 -22.75
N GLY B 121 -5.05 16.54 -22.61
CA GLY B 121 -4.15 16.01 -23.61
C GLY B 121 -4.79 15.18 -24.71
N GLY B 122 -6.01 14.69 -24.47
CA GLY B 122 -6.68 13.86 -25.45
C GLY B 122 -5.95 12.54 -25.60
N ALA B 123 -5.34 12.09 -24.51
CA ALA B 123 -4.56 10.87 -24.51
C ALA B 123 -5.32 9.59 -24.83
N ASN B 124 -4.70 8.74 -25.65
CA ASN B 124 -5.25 7.43 -26.00
C ASN B 124 -4.52 6.43 -25.12
N VAL B 125 -3.25 6.74 -24.85
CA VAL B 125 -2.39 5.89 -24.03
C VAL B 125 -1.78 6.75 -22.92
N VAL B 126 -1.79 6.24 -21.70
CA VAL B 126 -1.20 6.94 -20.56
C VAL B 126 -0.12 6.03 -20.00
N THR B 127 1.12 6.53 -19.98
CA THR B 127 2.25 5.73 -19.51
C THR B 127 2.78 6.30 -18.20
N MET B 128 2.92 5.41 -17.21
CA MET B 128 3.35 5.80 -15.88
C MET B 128 4.50 4.99 -15.30
N SER B 129 5.72 5.52 -15.42
CA SER B 129 6.91 4.86 -14.90
C SER B 129 7.10 5.33 -13.45
N LEU B 130 6.12 4.99 -12.64
CA LEU B 130 6.11 5.39 -11.24
C LEU B 130 5.07 4.57 -10.50
N GLY B 131 5.05 4.72 -9.18
CA GLY B 131 4.07 3.99 -8.40
C GLY B 131 4.29 4.13 -6.91
N GLY B 132 3.44 3.44 -6.17
CA GLY B 132 3.53 3.47 -4.71
C GLY B 132 3.01 2.15 -4.19
N SER B 133 3.16 1.92 -2.90
CA SER B 133 2.71 0.66 -2.30
C SER B 133 1.23 0.68 -1.95
N GLY B 134 0.66 1.86 -1.81
CA GLY B 134 -0.74 1.98 -1.46
C GLY B 134 -1.74 1.82 -2.60
N SER B 135 -2.95 1.40 -2.25
CA SER B 135 -4.02 1.21 -3.22
C SER B 135 -5.31 1.73 -2.62
N THR B 136 -6.21 2.26 -3.45
CA THR B 136 -7.49 2.78 -2.94
C THR B 136 -8.61 2.46 -3.91
N THR B 137 -9.84 2.44 -3.40
CA THR B 137 -10.99 2.16 -4.24
C THR B 137 -11.27 3.32 -5.18
N THR B 138 -11.03 4.55 -4.72
CA THR B 138 -11.25 5.72 -5.56
C THR B 138 -10.37 5.61 -6.79
N GLU B 139 -9.12 5.20 -6.61
CA GLU B 139 -8.19 5.04 -7.72
C GLU B 139 -8.61 3.91 -8.64
N ARG B 140 -8.86 2.75 -8.03
CA ARG B 140 -9.26 1.57 -8.79
C ARG B 140 -10.45 1.89 -9.69
N ASN B 141 -11.47 2.53 -9.13
CA ASN B 141 -12.66 2.90 -9.89
C ASN B 141 -12.35 3.88 -11.03
N ALA B 142 -11.61 4.95 -10.71
CA ALA B 142 -11.29 5.96 -11.70
C ALA B 142 -10.51 5.40 -12.89
N LEU B 143 -9.49 4.60 -12.60
CA LEU B 143 -8.70 4.03 -13.68
C LEU B 143 -9.47 2.98 -14.47
N ASN B 144 -10.31 2.19 -13.80
CA ASN B 144 -11.09 1.20 -14.52
C ASN B 144 -12.04 1.90 -15.48
N THR B 145 -12.60 3.02 -15.04
CA THR B 145 -13.50 3.79 -15.88
C THR B 145 -12.77 4.36 -17.10
N HIS B 146 -11.60 4.95 -16.90
CA HIS B 146 -10.84 5.47 -18.03
C HIS B 146 -10.52 4.34 -19.01
N TYR B 147 -10.15 3.18 -18.48
CA TYR B 147 -9.82 2.03 -19.31
C TYR B 147 -11.03 1.58 -20.13
N ASN B 148 -12.18 1.45 -19.47
CA ASN B 148 -13.37 1.03 -20.20
C ASN B 148 -13.82 2.13 -21.15
N ASN B 149 -13.41 3.37 -20.87
CA ASN B 149 -13.77 4.49 -21.74
C ASN B 149 -12.84 4.55 -22.95
N GLY B 150 -11.91 3.60 -23.04
CA GLY B 150 -11.02 3.56 -24.20
C GLY B 150 -9.60 4.04 -24.06
N VAL B 151 -9.15 4.27 -22.82
CA VAL B 151 -7.78 4.73 -22.59
C VAL B 151 -6.90 3.57 -22.12
N LEU B 152 -5.79 3.33 -22.81
CA LEU B 152 -4.87 2.26 -22.46
C LEU B 152 -3.91 2.77 -21.37
N LEU B 153 -3.91 2.08 -20.23
CA LEU B 153 -3.07 2.46 -19.09
C LEU B 153 -1.92 1.47 -18.92
N ILE B 154 -0.70 1.98 -18.84
CA ILE B 154 0.49 1.15 -18.72
C ILE B 154 1.40 1.71 -17.63
N ALA B 155 1.90 0.84 -16.75
CA ALA B 155 2.76 1.31 -15.66
C ALA B 155 3.84 0.31 -15.26
N ALA B 156 4.88 0.83 -14.61
CA ALA B 156 6.02 0.02 -14.16
C ALA B 156 5.69 -0.85 -12.95
N ALA B 157 6.18 -2.09 -12.96
CA ALA B 157 5.91 -3.00 -11.86
C ALA B 157 6.69 -2.69 -10.58
N GLY B 158 7.76 -1.90 -10.69
CA GLY B 158 8.53 -1.59 -9.50
C GLY B 158 9.86 -2.31 -9.48
N ASN B 159 10.84 -1.72 -8.78
CA ASN B 159 12.19 -2.26 -8.72
C ASN B 159 12.63 -2.81 -7.37
N ALA B 160 11.68 -3.19 -6.51
CA ALA B 160 12.00 -3.69 -5.18
C ALA B 160 12.53 -5.11 -5.09
N GLY B 161 12.55 -5.82 -6.22
CA GLY B 161 13.06 -7.18 -6.23
C GLY B 161 12.29 -8.18 -5.38
N ASP B 162 11.00 -7.93 -5.17
CA ASP B 162 10.17 -8.85 -4.40
C ASP B 162 8.81 -9.03 -5.06
N SER B 163 7.88 -9.66 -4.34
CA SER B 163 6.56 -9.91 -4.90
C SER B 163 5.53 -8.85 -4.51
N SER B 164 5.99 -7.73 -3.99
CA SER B 164 5.05 -6.68 -3.59
C SER B 164 4.35 -6.04 -4.77
N TYR B 165 3.12 -5.58 -4.53
CA TYR B 165 2.33 -4.94 -5.56
C TYR B 165 2.59 -3.44 -5.55
N SER B 166 2.93 -2.89 -6.71
CA SER B 166 3.13 -1.45 -6.81
C SER B 166 1.92 -0.99 -7.63
N TYR B 167 1.37 0.16 -7.28
CA TYR B 167 0.22 0.71 -7.95
C TYR B 167 0.65 2.02 -8.61
N PRO B 168 0.01 2.41 -9.72
CA PRO B 168 -1.11 1.79 -10.45
C PRO B 168 -0.90 0.49 -11.23
N ALA B 169 0.35 0.06 -11.40
CA ALA B 169 0.60 -1.15 -12.16
C ALA B 169 -0.25 -2.34 -11.75
N SER B 170 -0.45 -2.52 -10.45
CA SER B 170 -1.18 -3.67 -9.97
C SER B 170 -2.71 -3.64 -9.98
N TYR B 171 -3.29 -2.62 -10.59
CA TYR B 171 -4.75 -2.56 -10.73
C TYR B 171 -5.08 -3.36 -11.99
N ASP B 172 -6.25 -3.98 -12.04
CA ASP B 172 -6.66 -4.77 -13.19
C ASP B 172 -6.76 -3.97 -14.49
N SER B 173 -7.01 -2.67 -14.35
CA SER B 173 -7.16 -1.78 -15.50
C SER B 173 -5.86 -1.29 -16.10
N VAL B 174 -4.74 -1.64 -15.49
CA VAL B 174 -3.43 -1.19 -15.93
C VAL B 174 -2.48 -2.34 -16.27
N MET B 175 -1.70 -2.18 -17.34
CA MET B 175 -0.72 -3.21 -17.70
C MET B 175 0.51 -3.05 -16.81
N SER B 176 0.84 -4.09 -16.05
CA SER B 176 2.02 -4.04 -15.19
C SER B 176 3.23 -4.51 -16.01
N VAL B 177 4.23 -3.65 -16.13
CA VAL B 177 5.40 -3.96 -16.96
C VAL B 177 6.66 -4.37 -16.20
N ALA B 178 7.22 -5.51 -16.61
CA ALA B 178 8.44 -6.05 -16.03
C ALA B 178 9.64 -5.69 -16.90
N ALA B 179 10.84 -5.76 -16.32
CA ALA B 179 12.06 -5.44 -17.05
C ALA B 179 12.92 -6.66 -17.37
N VAL B 180 13.52 -6.67 -18.55
CA VAL B 180 14.43 -7.74 -18.95
C VAL B 180 15.67 -7.08 -19.57
N ASP B 181 16.76 -7.82 -19.68
CA ASP B 181 17.97 -7.26 -20.26
C ASP B 181 18.14 -7.66 -21.72
N SER B 182 19.28 -7.33 -22.33
CA SER B 182 19.47 -7.61 -23.75
C SER B 182 19.57 -9.08 -24.14
N ASN B 183 19.54 -9.99 -23.16
CA ASN B 183 19.56 -11.42 -23.47
C ASN B 183 18.17 -11.96 -23.15
N LEU B 184 17.26 -11.04 -22.86
CA LEU B 184 15.88 -11.35 -22.51
C LEU B 184 15.76 -12.03 -21.14
N ASP B 185 16.78 -11.85 -20.31
CA ASP B 185 16.77 -12.42 -18.97
C ASP B 185 16.05 -11.46 -18.04
N HIS B 186 15.23 -12.00 -17.15
CA HIS B 186 14.48 -11.20 -16.19
C HIS B 186 15.44 -10.39 -15.31
N ALA B 187 15.17 -9.10 -15.17
CA ALA B 187 16.01 -8.23 -14.34
C ALA B 187 15.80 -8.55 -12.88
N ALA B 188 16.89 -8.81 -12.15
CA ALA B 188 16.82 -9.16 -10.74
C ALA B 188 16.00 -8.21 -9.88
N PHE B 189 15.97 -6.93 -10.23
CA PHE B 189 15.24 -5.94 -9.45
C PHE B 189 13.75 -5.85 -9.77
N SER B 190 13.33 -6.39 -10.90
CA SER B 190 11.95 -6.32 -11.34
C SER B 190 10.98 -7.11 -10.45
N GLN B 191 10.05 -6.39 -9.83
CA GLN B 191 9.07 -7.04 -8.95
C GLN B 191 8.26 -8.09 -9.71
N TYR B 192 8.08 -9.23 -9.07
CA TYR B 192 7.33 -10.33 -9.69
C TYR B 192 6.01 -10.56 -8.95
N THR B 193 4.91 -10.40 -9.67
CA THR B 193 3.58 -10.56 -9.09
C THR B 193 2.63 -11.21 -10.09
N ASP B 194 1.43 -11.58 -9.62
CA ASP B 194 0.45 -12.18 -10.50
C ASP B 194 -0.25 -11.12 -11.35
N GLN B 195 0.20 -9.87 -11.24
CA GLN B 195 -0.33 -8.78 -12.03
C GLN B 195 0.62 -8.51 -13.20
N VAL B 196 1.91 -8.85 -13.02
CA VAL B 196 2.88 -8.62 -14.10
C VAL B 196 2.31 -9.22 -15.37
N GLU B 197 2.23 -8.38 -16.40
CA GLU B 197 1.59 -8.74 -17.64
C GLU B 197 2.46 -8.85 -18.89
N ILE B 198 3.47 -8.01 -18.98
CA ILE B 198 4.32 -8.03 -20.17
C ILE B 198 5.68 -7.46 -19.80
N SER B 199 6.69 -7.76 -20.61
CA SER B 199 8.06 -7.31 -20.35
C SER B 199 8.60 -6.42 -21.46
N GLY B 200 9.57 -5.59 -21.09
CA GLY B 200 10.22 -4.72 -22.03
C GLY B 200 11.66 -4.47 -21.61
N PRO B 201 12.50 -3.91 -22.49
CA PRO B 201 13.91 -3.62 -22.20
C PRO B 201 14.03 -2.73 -20.96
N GLY B 202 14.71 -3.22 -19.92
CA GLY B 202 14.85 -2.43 -18.70
C GLY B 202 16.21 -2.41 -18.04
N GLU B 203 17.21 -3.04 -18.64
CA GLU B 203 18.56 -3.04 -18.08
C GLU B 203 19.48 -2.40 -19.11
N ALA B 204 20.28 -1.44 -18.65
CA ALA B 204 21.23 -0.72 -19.52
C ALA B 204 20.53 -0.12 -20.74
N ILE B 205 19.59 0.77 -20.47
CA ILE B 205 18.83 1.44 -21.51
C ILE B 205 19.36 2.86 -21.74
N LEU B 206 19.90 3.09 -22.93
CA LEU B 206 20.44 4.39 -23.31
C LEU B 206 19.30 5.27 -23.80
N SER B 207 19.24 6.49 -23.31
CA SER B 207 18.21 7.42 -23.76
C SER B 207 18.64 8.85 -23.48
N THR B 208 17.78 9.78 -23.86
CA THR B 208 18.01 11.20 -23.66
C THR B 208 17.84 11.59 -22.19
N VAL B 209 18.63 12.56 -21.75
CA VAL B 209 18.49 13.09 -20.39
C VAL B 209 18.62 14.60 -20.49
N THR B 210 18.25 15.28 -19.42
CA THR B 210 18.35 16.74 -19.40
C THR B 210 19.73 17.14 -19.91
N VAL B 211 19.76 18.08 -20.85
CA VAL B 211 21.02 18.51 -21.45
C VAL B 211 22.14 18.78 -20.45
N GLY B 212 23.26 18.12 -20.66
CA GLY B 212 24.42 18.28 -19.81
C GLY B 212 24.47 17.48 -18.52
N GLU B 213 23.41 16.76 -18.19
CA GLU B 213 23.38 15.98 -16.96
C GLU B 213 23.75 14.52 -17.15
N GLY B 214 23.91 14.10 -18.40
CA GLY B 214 24.23 12.71 -18.68
C GLY B 214 25.69 12.32 -18.53
N ARG B 215 25.93 11.04 -18.76
CA ARG B 215 27.27 10.47 -18.65
C ARG B 215 27.34 9.33 -19.65
N LEU B 216 28.47 9.21 -20.36
CA LEU B 216 28.65 8.15 -21.34
C LEU B 216 30.04 7.55 -21.29
N ALA B 217 30.18 6.39 -21.91
CA ALA B 217 31.47 5.71 -21.97
C ALA B 217 31.78 5.38 -23.42
N ASP B 218 33.04 5.05 -23.69
CA ASP B 218 33.42 4.71 -25.05
C ASP B 218 34.70 3.89 -25.01
N ILE B 219 34.87 3.03 -26.02
CA ILE B 219 36.05 2.20 -26.17
C ILE B 219 36.45 2.41 -27.62
N THR B 220 37.70 2.81 -27.83
CA THR B 220 38.18 3.07 -29.19
C THR B 220 39.45 2.28 -29.47
N ILE B 221 39.48 1.60 -30.61
CA ILE B 221 40.64 0.83 -31.03
C ILE B 221 40.79 1.06 -32.52
N GLY B 222 42.02 1.34 -32.96
CA GLY B 222 42.25 1.59 -34.37
C GLY B 222 41.43 2.76 -34.89
N GLY B 223 41.13 3.71 -34.01
CA GLY B 223 40.35 4.87 -34.40
C GLY B 223 38.87 4.61 -34.54
N GLN B 224 38.45 3.38 -34.25
CA GLN B 224 37.05 2.97 -34.35
C GLN B 224 36.41 2.82 -32.98
N SER B 225 35.18 3.34 -32.85
CA SER B 225 34.44 3.29 -31.60
C SER B 225 33.47 2.12 -31.45
N TYR B 226 33.38 1.59 -30.23
CA TYR B 226 32.49 0.49 -29.90
C TYR B 226 31.20 1.02 -29.26
N PHE B 227 31.02 2.34 -29.30
CA PHE B 227 29.84 2.96 -28.68
C PHE B 227 28.51 2.28 -29.04
N SER B 228 28.30 2.00 -30.32
CA SER B 228 27.05 1.38 -30.76
C SER B 228 26.86 -0.04 -30.24
N ASN B 229 27.93 -0.68 -29.79
CA ASN B 229 27.86 -2.03 -29.23
C ASN B 229 27.20 -1.98 -27.87
N GLY B 230 27.35 -0.83 -27.21
CA GLY B 230 26.81 -0.66 -25.87
C GLY B 230 27.98 -0.69 -24.89
N VAL B 231 28.36 0.49 -24.40
CA VAL B 231 29.45 0.60 -23.43
C VAL B 231 28.91 1.42 -22.26
N VAL B 232 28.84 0.79 -21.11
CA VAL B 232 28.28 1.44 -19.93
C VAL B 232 29.35 1.93 -18.96
N PRO B 233 29.32 3.23 -18.62
CA PRO B 233 30.33 3.71 -17.67
C PRO B 233 29.96 3.15 -16.30
N HIS B 234 30.93 2.59 -15.59
CA HIS B 234 30.64 2.00 -14.28
C HIS B 234 29.98 2.95 -13.30
N ASN B 235 28.84 2.54 -12.77
CA ASN B 235 28.09 3.33 -11.79
C ASN B 235 28.78 3.06 -10.45
N ARG B 236 29.90 3.74 -10.24
CA ARG B 236 30.70 3.58 -9.03
C ARG B 236 30.16 4.30 -7.81
N LEU B 237 30.16 3.60 -6.68
CA LEU B 237 29.69 4.16 -5.42
C LEU B 237 30.77 3.95 -4.37
N THR B 238 31.00 4.98 -3.55
CA THR B 238 32.00 4.89 -2.49
C THR B 238 31.30 5.22 -1.18
N PRO B 239 31.88 4.78 -0.05
CA PRO B 239 31.28 5.04 1.26
C PRO B 239 30.94 6.51 1.52
N SER B 240 29.75 6.73 2.05
CA SER B 240 29.27 8.06 2.38
C SER B 240 28.51 7.97 3.69
N GLY B 241 29.21 8.18 4.80
CA GLY B 241 28.58 8.09 6.09
C GLY B 241 28.20 6.64 6.39
N THR B 242 26.91 6.41 6.60
CA THR B 242 26.41 5.07 6.90
C THR B 242 25.96 4.34 5.64
N SER B 243 26.13 4.99 4.48
CA SER B 243 25.71 4.39 3.22
C SER B 243 26.76 4.58 2.12
N TYR B 244 26.28 4.72 0.89
CA TYR B 244 27.14 4.91 -0.27
C TYR B 244 26.61 6.05 -1.12
N ALA B 245 27.51 6.68 -1.87
CA ALA B 245 27.14 7.80 -2.73
C ALA B 245 27.89 7.67 -4.05
N PRO B 246 27.32 8.19 -5.14
CA PRO B 246 27.97 8.11 -6.45
C PRO B 246 29.31 8.82 -6.49
N ALA B 247 30.34 8.12 -6.97
CA ALA B 247 31.68 8.65 -7.10
C ALA B 247 32.20 8.18 -8.45
N PRO B 248 31.62 8.68 -9.54
CA PRO B 248 32.04 8.30 -10.89
C PRO B 248 33.44 8.75 -11.27
N ILE B 249 34.12 7.93 -12.05
CA ILE B 249 35.45 8.27 -12.52
C ILE B 249 35.29 8.69 -13.96
N ASN B 250 35.39 9.99 -14.23
CA ASN B 250 35.27 10.49 -15.58
C ASN B 250 36.65 10.91 -16.05
N ALA B 251 37.26 10.06 -16.86
CA ALA B 251 38.59 10.32 -17.40
C ALA B 251 38.82 9.37 -18.56
N SER B 252 39.93 9.57 -19.26
CA SER B 252 40.27 8.74 -20.41
C SER B 252 41.62 8.08 -20.17
N ALA B 253 41.73 6.81 -20.55
CA ALA B 253 42.95 6.04 -20.39
C ALA B 253 43.24 5.30 -21.68
N THR B 254 44.51 5.26 -22.07
CA THR B 254 44.92 4.59 -23.29
C THR B 254 46.11 3.67 -23.04
N GLY B 255 46.01 2.43 -23.52
CA GLY B 255 47.08 1.47 -23.33
C GLY B 255 46.78 0.18 -24.06
N ALA B 256 47.77 -0.69 -24.15
CA ALA B 256 47.59 -1.96 -24.84
C ALA B 256 46.55 -2.80 -24.11
N LEU B 257 45.70 -3.48 -24.88
CA LEU B 257 44.66 -4.32 -24.29
C LEU B 257 45.24 -5.66 -23.84
N ALA B 258 44.89 -6.07 -22.63
CA ALA B 258 45.36 -7.34 -22.08
C ALA B 258 44.21 -7.94 -21.28
N GLU B 259 44.09 -9.26 -21.28
CA GLU B 259 43.00 -9.88 -20.54
C GLU B 259 43.39 -10.60 -19.27
N CYS B 260 42.60 -10.39 -18.22
CA CYS B 260 42.82 -11.04 -16.94
C CYS B 260 42.08 -12.38 -17.04
N THR B 261 42.80 -13.47 -16.80
CA THR B 261 42.22 -14.81 -16.87
C THR B 261 41.33 -15.13 -15.68
N VAL B 262 40.19 -15.78 -15.95
CA VAL B 262 39.27 -16.18 -14.90
C VAL B 262 39.11 -17.70 -14.89
N ASN B 263 39.25 -18.29 -13.72
CA ASN B 263 39.10 -19.74 -13.56
C ASN B 263 38.13 -19.89 -12.39
N GLY B 264 36.87 -20.20 -12.72
CA GLY B 264 35.88 -20.33 -11.67
C GLY B 264 35.69 -18.98 -10.99
N THR B 265 36.11 -18.88 -9.75
CA THR B 265 35.99 -17.63 -9.00
C THR B 265 37.37 -16.99 -8.78
N SER B 266 38.39 -17.57 -9.38
CA SER B 266 39.75 -17.09 -9.21
C SER B 266 40.28 -16.27 -10.40
N PHE B 267 41.14 -15.30 -10.10
CA PHE B 267 41.74 -14.43 -11.11
C PHE B 267 43.24 -14.63 -11.30
N SER B 268 43.69 -14.38 -12.52
CA SER B 268 45.10 -14.47 -12.89
C SER B 268 45.30 -13.32 -13.87
N CYS B 269 45.50 -12.13 -13.32
CA CYS B 269 45.65 -10.92 -14.12
C CYS B 269 47.06 -10.59 -14.60
N GLY B 270 48.08 -11.21 -14.01
CA GLY B 270 49.44 -10.93 -14.42
C GLY B 270 49.79 -9.48 -14.13
N ASN B 271 50.58 -8.86 -14.99
CA ASN B 271 50.97 -7.45 -14.79
C ASN B 271 50.20 -6.58 -15.76
N MET B 272 49.28 -5.77 -15.22
CA MET B 272 48.46 -4.88 -16.04
C MET B 272 48.95 -3.44 -16.10
N ALA B 273 50.16 -3.18 -15.60
CA ALA B 273 50.69 -1.82 -15.63
C ALA B 273 50.65 -1.26 -17.05
N ASN B 274 50.12 -0.04 -17.18
CA ASN B 274 50.01 0.66 -18.45
C ASN B 274 49.09 -0.02 -19.47
N LYS B 275 48.30 -0.99 -19.03
CA LYS B 275 47.39 -1.70 -19.93
C LYS B 275 45.92 -1.41 -19.65
N ILE B 276 45.09 -1.69 -20.66
CA ILE B 276 43.65 -1.59 -20.50
C ILE B 276 43.34 -3.05 -20.21
N CYS B 277 42.73 -3.31 -19.07
CA CYS B 277 42.44 -4.67 -18.63
C CYS B 277 41.04 -5.16 -18.96
N LEU B 278 40.98 -6.21 -19.77
CA LEU B 278 39.72 -6.83 -20.17
C LEU B 278 39.51 -8.00 -19.21
N VAL B 279 38.34 -8.08 -18.60
CA VAL B 279 38.08 -9.16 -17.67
C VAL B 279 36.62 -9.60 -17.64
N GLU B 280 36.42 -10.92 -17.62
CA GLU B 280 35.09 -11.46 -17.57
C GLU B 280 34.53 -11.23 -16.16
N ARG B 281 33.26 -10.85 -16.10
CA ARG B 281 32.61 -10.62 -14.82
C ARG B 281 32.43 -11.90 -14.02
N VAL B 282 32.77 -11.84 -12.74
CA VAL B 282 32.60 -13.00 -11.87
C VAL B 282 31.41 -12.70 -10.97
N GLY B 283 30.38 -13.54 -11.06
CA GLY B 283 29.18 -13.34 -10.27
C GLY B 283 28.27 -12.35 -10.97
N ASN B 284 27.12 -12.06 -10.37
CA ASN B 284 26.18 -11.10 -10.94
C ASN B 284 25.42 -10.38 -9.82
N GLN B 285 24.97 -9.17 -10.12
CA GLN B 285 24.23 -8.37 -9.18
C GLN B 285 22.89 -9.00 -8.83
N GLY B 286 22.52 -8.91 -7.55
CA GLY B 286 21.27 -9.48 -7.09
C GLY B 286 21.25 -9.37 -5.58
N SER B 287 21.53 -10.49 -4.91
CA SER B 287 21.57 -10.51 -3.46
C SER B 287 22.81 -9.74 -3.00
N SER B 288 23.79 -9.63 -3.88
CA SER B 288 25.04 -8.92 -3.59
C SER B 288 25.42 -8.04 -4.78
N TYR B 289 26.54 -7.32 -4.64
CA TYR B 289 27.04 -6.44 -5.69
C TYR B 289 28.50 -6.81 -5.92
N PRO B 290 28.74 -7.87 -6.71
CA PRO B 290 30.07 -8.40 -7.04
C PRO B 290 30.90 -7.70 -8.12
N GLU B 291 30.38 -6.66 -8.75
CA GLU B 291 31.13 -5.98 -9.80
C GLU B 291 32.55 -5.63 -9.37
N ILE B 292 32.70 -5.24 -8.10
CA ILE B 292 34.00 -4.86 -7.57
C ILE B 292 35.07 -5.96 -7.65
N ASN B 293 34.64 -7.23 -7.68
CA ASN B 293 35.60 -8.33 -7.74
C ASN B 293 36.45 -8.35 -8.99
N SER B 294 35.82 -8.52 -10.16
CA SER B 294 36.57 -8.53 -11.41
C SER B 294 37.26 -7.19 -11.64
N THR B 295 36.58 -6.11 -11.29
CA THR B 295 37.15 -4.78 -11.48
C THR B 295 38.40 -4.56 -10.64
N LYS B 296 38.33 -4.95 -9.37
CA LYS B 296 39.47 -4.78 -8.47
C LYS B 296 40.64 -5.66 -8.87
N ALA B 297 40.35 -6.87 -9.36
CA ALA B 297 41.40 -7.78 -9.79
C ALA B 297 42.28 -7.07 -10.82
N CYS B 298 41.64 -6.39 -11.75
CA CYS B 298 42.34 -5.65 -12.79
C CYS B 298 43.13 -4.47 -12.22
N LYS B 299 42.47 -3.69 -11.36
CA LYS B 299 43.10 -2.52 -10.77
C LYS B 299 44.35 -2.88 -9.96
N THR B 300 44.22 -3.89 -9.11
CA THR B 300 45.32 -4.34 -8.27
C THR B 300 46.52 -4.74 -9.15
N ALA B 301 46.23 -5.30 -10.32
CA ALA B 301 47.27 -5.73 -11.24
C ALA B 301 47.95 -4.53 -11.89
N GLY B 302 47.40 -3.35 -11.66
CA GLY B 302 48.00 -2.13 -12.21
C GLY B 302 47.34 -1.52 -13.43
N ALA B 303 46.16 -2.00 -13.80
CA ALA B 303 45.47 -1.49 -14.99
C ALA B 303 45.21 0.01 -14.95
N LYS B 304 45.35 0.66 -16.10
CA LYS B 304 45.10 2.10 -16.18
C LYS B 304 43.67 2.35 -16.66
N GLY B 305 43.04 1.29 -17.17
CA GLY B 305 41.67 1.36 -17.66
C GLY B 305 41.11 -0.04 -17.57
N ILE B 306 39.79 -0.18 -17.37
CA ILE B 306 39.19 -1.50 -17.22
C ILE B 306 37.90 -1.73 -18.01
N ILE B 307 37.79 -2.90 -18.60
CA ILE B 307 36.60 -3.29 -19.37
C ILE B 307 36.10 -4.63 -18.85
N VAL B 308 34.92 -4.62 -18.22
CA VAL B 308 34.35 -5.85 -17.69
C VAL B 308 33.28 -6.33 -18.65
N TYR B 309 33.36 -7.59 -19.07
CA TYR B 309 32.35 -8.13 -19.98
C TYR B 309 31.52 -9.23 -19.32
N SER B 310 30.26 -9.31 -19.74
CA SER B 310 29.32 -10.28 -19.18
C SER B 310 29.73 -11.75 -19.23
N ASN B 311 29.35 -12.48 -18.19
CA ASN B 311 29.63 -13.91 -18.13
C ASN B 311 28.48 -14.65 -18.78
N SER B 312 28.61 -15.97 -18.90
CA SER B 312 27.58 -16.78 -19.54
C SER B 312 26.24 -16.84 -18.81
N ALA B 313 26.27 -16.61 -17.50
CA ALA B 313 25.06 -16.63 -16.68
C ALA B 313 24.10 -15.51 -17.08
N LEU B 314 24.64 -14.32 -17.29
CA LEU B 314 23.85 -13.16 -17.70
C LEU B 314 24.69 -12.46 -18.78
N PRO B 315 24.64 -12.99 -20.01
CA PRO B 315 25.41 -12.45 -21.13
C PRO B 315 24.95 -11.11 -21.70
N GLY B 316 23.76 -10.66 -21.32
CA GLY B 316 23.26 -9.39 -21.83
C GLY B 316 24.05 -8.22 -21.27
N LEU B 317 23.79 -7.02 -21.78
CA LEU B 317 24.50 -5.83 -21.31
C LEU B 317 24.04 -5.48 -19.89
N GLN B 318 25.00 -5.41 -18.97
CA GLN B 318 24.67 -5.07 -17.59
C GLN B 318 25.20 -3.69 -17.18
N ASN B 319 24.43 -3.02 -16.32
CA ASN B 319 24.77 -1.70 -15.79
C ASN B 319 24.65 -1.83 -14.28
N PRO B 320 25.53 -2.64 -13.66
CA PRO B 320 25.50 -2.86 -12.21
C PRO B 320 26.14 -1.77 -11.37
N PHE B 321 25.88 -1.83 -10.06
CA PHE B 321 26.48 -0.87 -9.15
C PHE B 321 27.89 -1.38 -8.84
N LEU B 322 28.86 -0.49 -8.99
CA LEU B 322 30.24 -0.84 -8.67
C LEU B 322 30.45 -0.31 -7.25
N VAL B 323 30.16 -1.16 -6.27
CA VAL B 323 30.32 -0.80 -4.86
C VAL B 323 31.80 -0.87 -4.54
N ASP B 324 32.41 0.29 -4.34
CA ASP B 324 33.84 0.40 -4.07
C ASP B 324 34.10 0.84 -2.63
N ALA B 325 34.00 -0.11 -1.71
CA ALA B 325 34.20 0.13 -0.28
C ALA B 325 35.50 0.82 0.10
N ASN B 326 36.60 0.44 -0.55
CA ASN B 326 37.90 1.03 -0.24
C ASN B 326 38.36 2.06 -1.26
N SER B 327 37.43 2.51 -2.11
CA SER B 327 37.75 3.52 -3.12
C SER B 327 38.97 3.08 -3.92
N ASP B 328 39.00 1.81 -4.29
CA ASP B 328 40.11 1.22 -5.04
C ASP B 328 40.10 1.57 -6.53
N ILE B 329 38.92 1.63 -7.13
CA ILE B 329 38.81 1.91 -8.55
C ILE B 329 38.87 3.40 -8.88
N THR B 330 40.08 3.90 -9.08
CA THR B 330 40.32 5.31 -9.40
C THR B 330 40.64 5.51 -10.87
N VAL B 331 40.41 4.49 -11.68
CA VAL B 331 40.67 4.56 -13.11
C VAL B 331 39.34 4.38 -13.85
N PRO B 332 39.27 4.78 -15.12
CA PRO B 332 38.01 4.62 -15.85
C PRO B 332 37.72 3.13 -16.10
N SER B 333 36.52 2.71 -15.75
CA SER B 333 36.13 1.32 -15.94
C SER B 333 34.73 1.29 -16.57
N VAL B 334 34.50 0.31 -17.43
CA VAL B 334 33.24 0.18 -18.14
C VAL B 334 32.72 -1.26 -18.19
N SER B 335 31.46 -1.40 -18.58
CA SER B 335 30.81 -2.70 -18.70
C SER B 335 30.30 -2.89 -20.13
N VAL B 336 30.54 -4.07 -20.70
CA VAL B 336 30.06 -4.39 -22.04
C VAL B 336 29.46 -5.81 -22.00
N ASP B 337 28.60 -6.12 -22.98
CA ASP B 337 27.98 -7.45 -22.98
C ASP B 337 28.97 -8.54 -23.37
N ARG B 338 28.54 -9.79 -23.27
CA ARG B 338 29.42 -10.90 -23.58
C ARG B 338 29.93 -10.90 -25.02
N ALA B 339 29.03 -10.66 -25.97
CA ALA B 339 29.39 -10.66 -27.38
C ALA B 339 30.50 -9.66 -27.65
N THR B 340 30.42 -8.49 -27.01
CA THR B 340 31.41 -7.45 -27.19
C THR B 340 32.72 -7.82 -26.53
N GLY B 341 32.66 -8.36 -25.32
CA GLY B 341 33.87 -8.78 -24.63
C GLY B 341 34.60 -9.82 -25.46
N LEU B 342 33.86 -10.79 -26.00
CA LEU B 342 34.48 -11.84 -26.81
C LEU B 342 35.08 -11.25 -28.09
N ALA B 343 34.40 -10.26 -28.67
CA ALA B 343 34.88 -9.63 -29.89
C ALA B 343 36.16 -8.83 -29.63
N LEU B 344 36.35 -8.39 -28.39
CA LEU B 344 37.53 -7.61 -28.06
C LEU B 344 38.79 -8.48 -27.93
N LYS B 345 38.60 -9.78 -27.75
CA LYS B 345 39.74 -10.69 -27.61
C LYS B 345 40.67 -10.61 -28.81
N ALA B 346 40.10 -10.39 -30.00
CA ALA B 346 40.89 -10.30 -31.23
C ALA B 346 41.83 -9.10 -31.21
N LYS B 347 41.48 -8.10 -30.39
CA LYS B 347 42.26 -6.87 -30.31
C LYS B 347 43.33 -6.86 -29.22
N LEU B 348 43.49 -7.97 -28.50
CA LEU B 348 44.49 -8.02 -27.44
C LEU B 348 45.87 -7.59 -27.96
N GLY B 349 46.51 -6.70 -27.21
CA GLY B 349 47.82 -6.21 -27.59
C GLY B 349 47.78 -4.85 -28.27
N GLN B 350 46.61 -4.50 -28.81
CA GLN B 350 46.42 -3.23 -29.50
C GLN B 350 46.07 -2.07 -28.58
N SER B 351 46.52 -0.89 -28.94
CA SER B 351 46.25 0.31 -28.16
C SER B 351 44.74 0.52 -28.09
N THR B 352 44.25 0.63 -26.85
CA THR B 352 42.83 0.79 -26.60
C THR B 352 42.58 1.99 -25.71
N THR B 353 41.56 2.78 -26.04
CA THR B 353 41.22 3.94 -25.25
C THR B 353 39.87 3.74 -24.59
N VAL B 354 39.85 3.79 -23.26
CA VAL B 354 38.61 3.64 -22.49
C VAL B 354 38.34 4.98 -21.84
N SER B 355 37.14 5.51 -22.02
CA SER B 355 36.82 6.80 -21.44
C SER B 355 35.40 6.94 -20.94
N ASN B 356 35.27 7.59 -19.79
CA ASN B 356 33.98 7.89 -19.19
C ASN B 356 33.95 9.40 -19.16
N GLN B 357 32.88 10.00 -19.66
CA GLN B 357 32.79 11.44 -19.68
C GLN B 357 31.43 11.93 -19.19
N GLY B 358 31.45 12.99 -18.39
CA GLY B 358 30.22 13.56 -17.88
C GLY B 358 29.79 14.70 -18.79
N ASN B 359 28.81 15.49 -18.34
CA ASN B 359 28.32 16.62 -19.11
C ASN B 359 27.77 16.21 -20.47
N GLN B 360 27.16 15.03 -20.52
CA GLN B 360 26.58 14.51 -21.75
C GLN B 360 25.08 14.75 -21.80
N ASP B 361 24.47 14.43 -22.94
CA ASP B 361 23.02 14.64 -23.10
C ASP B 361 22.27 13.32 -23.20
N TYR B 362 22.94 12.22 -22.89
CA TYR B 362 22.35 10.89 -22.93
C TYR B 362 22.92 10.11 -21.76
N GLU B 363 22.28 9.01 -21.39
CA GLU B 363 22.76 8.21 -20.26
C GLU B 363 22.07 6.85 -20.21
N TYR B 364 22.78 5.88 -19.64
CA TYR B 364 22.23 4.53 -19.46
C TYR B 364 21.53 4.45 -18.11
N TYR B 365 20.29 3.97 -18.12
CA TYR B 365 19.49 3.81 -16.90
C TYR B 365 18.98 2.37 -16.84
N ASN B 366 18.63 1.93 -15.63
CA ASN B 366 18.04 0.60 -15.42
C ASN B 366 16.70 0.84 -14.73
N GLY B 367 15.73 -0.05 -14.96
CA GLY B 367 14.46 0.10 -14.27
C GLY B 367 13.22 -0.35 -15.00
N THR B 368 12.19 -0.67 -14.24
CA THR B 368 10.94 -1.04 -14.86
C THR B 368 10.41 0.23 -15.52
N SER B 369 10.93 1.38 -15.10
CA SER B 369 10.54 2.67 -15.69
C SER B 369 11.05 2.80 -17.10
N MET B 370 12.09 2.04 -17.42
CA MET B 370 12.68 2.06 -18.76
C MET B 370 11.95 1.07 -19.66
N ALA B 371 11.49 -0.04 -19.06
CA ALA B 371 10.76 -1.05 -19.81
C ALA B 371 9.39 -0.53 -20.21
N THR B 372 8.76 0.20 -19.29
CA THR B 372 7.44 0.75 -19.50
C THR B 372 7.28 1.57 -20.80
N PRO B 373 8.17 2.54 -21.06
CA PRO B 373 8.03 3.31 -22.30
C PRO B 373 8.23 2.50 -23.57
N HIS B 374 8.94 1.37 -23.49
CA HIS B 374 9.09 0.54 -24.67
C HIS B 374 7.72 -0.06 -24.94
N VAL B 375 7.05 -0.49 -23.88
CA VAL B 375 5.73 -1.09 -24.00
C VAL B 375 4.66 -0.08 -24.42
N SER B 376 4.64 1.09 -23.80
CA SER B 376 3.63 2.09 -24.17
C SER B 376 3.94 2.68 -25.53
N GLY B 377 5.23 2.84 -25.84
CA GLY B 377 5.61 3.37 -27.13
C GLY B 377 5.16 2.40 -28.22
N VAL B 378 5.44 1.11 -28.03
CA VAL B 378 5.03 0.11 -28.99
C VAL B 378 3.51 0.01 -29.07
N ALA B 379 2.84 0.11 -27.93
CA ALA B 379 1.37 0.04 -27.93
C ALA B 379 0.81 1.15 -28.82
N THR B 380 1.37 2.34 -28.68
CA THR B 380 0.93 3.50 -29.46
C THR B 380 1.22 3.29 -30.95
N LEU B 381 2.42 2.80 -31.24
CA LEU B 381 2.85 2.54 -32.61
C LEU B 381 1.94 1.52 -33.29
N VAL B 382 1.69 0.41 -32.61
CA VAL B 382 0.82 -0.63 -33.16
C VAL B 382 -0.60 -0.13 -33.32
N TRP B 383 -1.12 0.54 -32.29
CA TRP B 383 -2.48 1.05 -32.29
C TRP B 383 -2.71 2.05 -33.43
N SER B 384 -1.66 2.76 -33.84
CA SER B 384 -1.81 3.75 -34.91
C SER B 384 -2.25 3.10 -36.23
N TYR B 385 -2.04 1.80 -36.37
CA TYR B 385 -2.43 1.10 -37.58
C TYR B 385 -3.90 0.70 -37.55
N HIS B 386 -4.48 0.66 -36.34
CA HIS B 386 -5.87 0.27 -36.16
C HIS B 386 -6.49 1.11 -35.06
N PRO B 387 -6.58 2.43 -35.28
CA PRO B 387 -7.14 3.37 -34.31
C PRO B 387 -8.58 3.11 -33.86
N GLU B 388 -9.33 2.32 -34.64
CA GLU B 388 -10.71 2.05 -34.26
C GLU B 388 -10.85 0.87 -33.31
N CYS B 389 -9.78 0.11 -33.10
CA CYS B 389 -9.85 -0.99 -32.14
C CYS B 389 -9.82 -0.33 -30.77
N SER B 390 -10.40 -0.98 -29.77
CA SER B 390 -10.43 -0.40 -28.43
C SER B 390 -9.14 -0.64 -27.65
N ALA B 391 -8.97 0.11 -26.56
CA ALA B 391 -7.78 -0.04 -25.72
C ALA B 391 -7.71 -1.49 -25.21
N SER B 392 -8.86 -2.03 -24.82
CA SER B 392 -8.91 -3.40 -24.33
C SER B 392 -8.45 -4.38 -25.39
N GLN B 393 -8.84 -4.14 -26.64
CA GLN B 393 -8.46 -5.02 -27.74
C GLN B 393 -6.97 -4.94 -28.03
N VAL B 394 -6.41 -3.74 -27.94
CA VAL B 394 -4.98 -3.55 -28.19
C VAL B 394 -4.18 -4.26 -27.10
N ARG B 395 -4.64 -4.11 -25.85
CA ARG B 395 -3.99 -4.73 -24.71
C ARG B 395 -3.94 -6.24 -24.93
N ALA B 396 -5.07 -6.81 -25.32
CA ALA B 396 -5.14 -8.24 -25.56
C ALA B 396 -4.20 -8.66 -26.69
N ALA B 397 -4.07 -7.80 -27.71
CA ALA B 397 -3.19 -8.11 -28.83
C ALA B 397 -1.74 -8.14 -28.38
N LEU B 398 -1.36 -7.20 -27.53
CA LEU B 398 0.02 -7.15 -27.05
C LEU B 398 0.35 -8.42 -26.26
N ASN B 399 -0.57 -8.84 -25.41
CA ASN B 399 -0.34 -10.04 -24.59
C ASN B 399 -0.34 -11.32 -25.42
N ALA B 400 -1.29 -11.42 -26.36
CA ALA B 400 -1.40 -12.60 -27.20
C ALA B 400 -0.21 -12.82 -28.10
N THR B 401 0.52 -11.75 -28.42
CA THR B 401 1.66 -11.84 -29.33
C THR B 401 3.03 -11.65 -28.70
N ALA B 402 3.09 -11.50 -27.39
CA ALA B 402 4.37 -11.32 -26.72
C ALA B 402 5.15 -12.62 -26.85
N ASP B 403 6.48 -12.51 -26.89
CA ASP B 403 7.32 -13.70 -26.99
C ASP B 403 7.53 -14.26 -25.60
N ASP B 404 6.99 -15.45 -25.37
CA ASP B 404 7.07 -16.12 -24.07
C ASP B 404 8.51 -16.23 -23.57
N LEU B 405 8.71 -15.80 -22.32
CA LEU B 405 10.04 -15.85 -21.70
C LEU B 405 10.00 -16.73 -20.46
N SER B 406 11.16 -16.94 -19.86
CA SER B 406 11.25 -17.76 -18.66
C SER B 406 10.52 -19.08 -18.87
N VAL B 407 9.80 -19.53 -17.85
CA VAL B 407 9.05 -20.78 -17.94
C VAL B 407 7.90 -20.65 -18.94
N ALA B 408 7.45 -21.79 -19.47
CA ALA B 408 6.37 -21.79 -20.45
C ALA B 408 5.09 -21.17 -19.88
N GLY B 409 4.45 -20.32 -20.67
CA GLY B 409 3.22 -19.69 -20.24
C GLY B 409 3.47 -18.40 -19.45
N ARG B 410 2.39 -17.75 -19.04
CA ARG B 410 2.50 -16.52 -18.28
C ARG B 410 3.10 -16.82 -16.91
N ASP B 411 4.05 -15.98 -16.49
CA ASP B 411 4.66 -16.15 -15.17
C ASP B 411 4.77 -14.80 -14.49
N ASN B 412 4.94 -14.81 -13.18
CA ASN B 412 5.01 -13.59 -12.38
C ASN B 412 6.22 -12.72 -12.66
N GLN B 413 7.27 -13.29 -13.24
CA GLN B 413 8.48 -12.56 -13.52
C GLN B 413 8.42 -11.76 -14.83
N THR B 414 7.92 -12.39 -15.88
CA THR B 414 7.87 -11.74 -17.20
C THR B 414 6.49 -11.60 -17.83
N GLY B 415 5.45 -12.00 -17.10
CA GLY B 415 4.10 -11.91 -17.66
C GLY B 415 3.99 -12.80 -18.88
N TYR B 416 3.38 -12.29 -19.94
CA TYR B 416 3.22 -13.07 -21.16
C TYR B 416 4.50 -13.09 -21.99
N GLY B 417 5.47 -12.27 -21.59
CA GLY B 417 6.73 -12.25 -22.32
C GLY B 417 7.14 -10.89 -22.85
N MET B 418 8.08 -10.94 -23.79
CA MET B 418 8.62 -9.74 -24.42
C MET B 418 7.67 -9.15 -25.45
N ILE B 419 7.35 -7.86 -25.30
CA ILE B 419 6.47 -7.22 -26.27
C ILE B 419 7.05 -7.35 -27.67
N ASN B 420 6.19 -7.57 -28.65
CA ASN B 420 6.60 -7.77 -30.04
C ASN B 420 5.71 -6.92 -30.94
N ALA B 421 6.23 -5.80 -31.40
CA ALA B 421 5.47 -4.88 -32.25
C ALA B 421 4.94 -5.48 -33.54
N VAL B 422 5.82 -6.17 -34.27
CA VAL B 422 5.42 -6.78 -35.54
C VAL B 422 4.34 -7.82 -35.38
N ALA B 423 4.48 -8.69 -34.38
CA ALA B 423 3.50 -9.74 -34.13
C ALA B 423 2.17 -9.15 -33.68
N ALA B 424 2.21 -8.12 -32.84
CA ALA B 424 0.99 -7.47 -32.36
C ALA B 424 0.25 -6.83 -33.52
N LYS B 425 1.01 -6.21 -34.43
CA LYS B 425 0.42 -5.56 -35.59
C LYS B 425 -0.24 -6.59 -36.51
N ALA B 426 0.41 -7.75 -36.69
CA ALA B 426 -0.14 -8.81 -37.52
C ALA B 426 -1.45 -9.35 -36.94
N TYR B 427 -1.52 -9.38 -35.61
CA TYR B 427 -2.73 -9.85 -34.91
C TYR B 427 -3.90 -8.92 -35.24
N LEU B 428 -3.68 -7.62 -35.09
CA LEU B 428 -4.72 -6.64 -35.34
C LEU B 428 -5.01 -6.47 -36.83
N ASP B 429 -4.02 -6.79 -37.67
CA ASP B 429 -4.24 -6.70 -39.12
C ASP B 429 -5.35 -7.68 -39.50
N GLU B 430 -5.40 -8.83 -38.82
CA GLU B 430 -6.45 -9.81 -39.11
C GLU B 430 -7.80 -9.24 -38.68
N SER B 431 -7.88 -8.72 -37.47
CA SER B 431 -9.08 -8.08 -36.95
C SER B 431 -8.77 -7.56 -35.55
N CYS B 432 -9.63 -6.70 -35.02
CA CYS B 432 -9.39 -6.16 -33.69
C CYS B 432 -9.33 -7.25 -32.63
N THR B 433 -9.86 -8.42 -32.94
CA THR B 433 -9.85 -9.53 -31.99
C THR B 433 -8.87 -10.62 -32.39
N GLY B 434 -8.03 -10.31 -33.38
CA GLY B 434 -7.03 -11.27 -33.84
C GLY B 434 -7.60 -12.41 -34.66
N PRO B 435 -6.84 -13.49 -34.86
CA PRO B 435 -7.32 -14.63 -35.63
C PRO B 435 -8.52 -15.28 -34.97
N THR B 436 -9.39 -15.87 -35.78
CA THR B 436 -10.59 -16.52 -35.26
C THR B 436 -10.35 -18.00 -35.02
N PHE C 1 1.25 -2.02 10.26
CA PHE C 1 2.70 -2.34 10.02
C PHE C 1 3.07 -1.63 8.68
N LEU C 3 -2.49 -1.37 14.73
CA LEU C 3 -3.75 -1.88 15.36
C LEU C 3 -4.77 -0.91 14.62
N PHE D 1 5.04 7.45 -4.72
CA PHE D 1 4.29 8.38 -3.81
C PHE D 1 3.95 7.54 -2.54
N LEU D 3 9.42 7.48 -8.62
CA LEU D 3 9.81 7.17 -10.03
C LEU D 3 10.19 5.65 -9.83
#